data_6TJH
#
_entry.id   6TJH
#
_cell.length_a   58.966
_cell.length_b   106.801
_cell.length_c   116.490
_cell.angle_alpha   90.000
_cell.angle_beta   90.000
_cell.angle_gamma   90.000
#
_symmetry.space_group_name_H-M   'P 2 21 21'
#
loop_
_entity.id
_entity.type
_entity.pdbx_description
1 polymer Cake9
2 non-polymer 'SULFATE ION'
3 non-polymer GLYCEROL
4 water water
#
_entity_poly.entity_id   1
_entity_poly.type   'polypeptide(L)'
_entity_poly.pdbx_seq_one_letter_code
;GSHMDGTEKWRFKTGKAIEASPVIGEDGTIYVGSNDGHLYAINPDGTEKWRFKTGKAIEASPVIGEDGTIYVGSNDGHLY
AINPDGTEKWRFKTGKAIEASPVIGEDGTIYVGSNDGHLYAINPDGTEKWRFKTGKAIEASPVIGEDGTIYVGSNDGHLY
AINPDGTEKWRFKTGKAIEASPVIGEDGTIYVGSNDGHLYAINPDGTEKWRFKTGKAIEASPVIGEDGTIYVGSNDGHLY
AINPDGTEKWRFKTGKAIEASPVIGEDGTIYVGSNDGHLYAINPDGTEKWRFKTGKAIEASPVIGEDGTIYVGSNDGHLY
AINPDGTEKWRFKTGKAIEASPVIGEDGTIYVGSNDGHLYAINP
;
_entity_poly.pdbx_strand_id   A,B
#
loop_
_chem_comp.id
_chem_comp.type
_chem_comp.name
_chem_comp.formula
GOL non-polymer GLYCEROL 'C3 H8 O3'
SO4 non-polymer 'SULFATE ION' 'O4 S -2'
#
# COMPACT_ATOMS: atom_id res chain seq x y z
N ASP A 5 22.41 -23.68 -4.27
CA ASP A 5 22.09 -24.50 -5.48
C ASP A 5 20.60 -24.44 -5.80
N GLY A 6 19.86 -23.76 -4.97
CA GLY A 6 18.45 -23.52 -5.23
C GLY A 6 17.50 -24.50 -4.60
N THR A 7 18.01 -25.45 -3.83
CA THR A 7 17.20 -26.41 -3.10
C THR A 7 16.81 -25.81 -1.75
N GLU A 8 15.66 -26.25 -1.24
CA GLU A 8 15.19 -25.78 0.05
C GLU A 8 15.99 -26.40 1.19
N LYS A 9 16.59 -25.55 2.02
CA LYS A 9 17.20 -26.05 3.24
C LYS A 9 16.15 -26.31 4.30
N TRP A 10 15.28 -25.32 4.56
CA TRP A 10 14.09 -25.53 5.37
C TRP A 10 13.12 -24.39 5.12
N ARG A 11 11.94 -24.49 5.73
N ARG A 11 11.94 -24.48 5.74
CA ARG A 11 10.97 -23.41 5.80
CA ARG A 11 10.97 -23.38 5.76
C ARG A 11 10.45 -23.32 7.22
C ARG A 11 10.30 -23.35 7.11
N PHE A 12 9.93 -22.15 7.58
CA PHE A 12 9.39 -21.94 8.90
C PHE A 12 8.05 -21.20 8.75
N LYS A 13 6.97 -21.76 9.32
CA LYS A 13 5.62 -21.20 9.16
C LYS A 13 5.30 -20.13 10.19
N THR A 14 4.88 -18.95 9.72
CA THR A 14 4.17 -17.97 10.53
C THR A 14 2.73 -17.92 10.00
N GLY A 15 1.84 -17.22 10.70
CA GLY A 15 0.40 -17.30 10.35
C GLY A 15 -0.03 -16.47 9.14
N LYS A 16 0.77 -15.46 8.79
CA LYS A 16 0.35 -14.39 7.90
C LYS A 16 1.55 -13.93 7.11
N ALA A 17 1.33 -13.05 6.14
CA ALA A 17 2.41 -12.61 5.25
C ALA A 17 3.60 -12.01 5.99
N ILE A 18 4.80 -12.30 5.48
N ILE A 18 4.79 -12.26 5.43
CA ILE A 18 6.04 -11.67 5.98
CA ILE A 18 6.04 -11.67 5.89
C ILE A 18 6.38 -10.52 5.04
C ILE A 18 6.42 -10.58 4.89
N GLU A 19 6.25 -9.28 5.53
N GLU A 19 6.31 -9.32 5.30
CA GLU A 19 6.33 -8.13 4.64
CA GLU A 19 6.43 -8.21 4.37
C GLU A 19 7.75 -7.58 4.45
C GLU A 19 7.74 -7.44 4.50
N ALA A 20 8.67 -7.88 5.35
CA ALA A 20 9.97 -7.21 5.38
C ALA A 20 11.09 -8.25 5.40
N SER A 21 12.28 -7.77 5.08
CA SER A 21 13.43 -8.68 4.98
C SER A 21 13.79 -9.20 6.36
N PRO A 22 14.24 -10.45 6.48
CA PRO A 22 14.81 -10.90 7.76
C PRO A 22 16.17 -10.23 8.03
N VAL A 23 16.63 -10.42 9.25
N VAL A 23 16.59 -10.30 9.28
CA VAL A 23 17.90 -9.89 9.71
CA VAL A 23 17.94 -9.91 9.64
C VAL A 23 18.64 -10.98 10.49
C VAL A 23 18.62 -11.08 10.33
N ILE A 24 19.94 -11.12 10.23
CA ILE A 24 20.75 -12.18 10.82
C ILE A 24 21.62 -11.60 11.92
N GLY A 25 21.52 -12.17 13.12
CA GLY A 25 22.40 -11.84 14.23
C GLY A 25 23.79 -12.45 14.11
N GLU A 26 24.67 -11.96 15.00
CA GLU A 26 26.07 -12.37 15.01
C GLU A 26 26.21 -13.88 15.15
N ASP A 27 25.38 -14.50 15.97
CA ASP A 27 25.41 -15.94 16.17
C ASP A 27 24.62 -16.73 15.12
N GLY A 28 24.14 -16.09 14.04
CA GLY A 28 23.40 -16.77 12.99
C GLY A 28 21.89 -16.85 13.19
N THR A 29 21.36 -16.43 14.34
CA THR A 29 19.90 -16.40 14.48
C THR A 29 19.29 -15.50 13.42
N ILE A 30 18.19 -15.96 12.86
CA ILE A 30 17.46 -15.22 11.84
C ILE A 30 16.21 -14.62 12.49
N TYR A 31 16.08 -13.31 12.42
CA TYR A 31 14.94 -12.59 13.01
C TYR A 31 14.02 -12.08 11.92
N VAL A 32 12.71 -12.31 12.10
CA VAL A 32 11.77 -11.85 11.07
C VAL A 32 10.45 -11.52 11.76
N GLY A 33 9.82 -10.38 11.36
CA GLY A 33 8.47 -10.09 11.79
C GLY A 33 7.43 -10.64 10.82
N SER A 34 6.19 -10.83 11.33
CA SER A 34 5.08 -11.33 10.53
C SER A 34 3.87 -10.43 10.70
N ASN A 35 2.99 -10.49 9.71
CA ASN A 35 1.68 -9.87 9.83
C ASN A 35 0.82 -10.55 10.88
N ASP A 36 1.27 -11.70 11.40
CA ASP A 36 0.57 -12.31 12.53
C ASP A 36 0.89 -11.61 13.84
N GLY A 37 1.72 -10.56 13.78
CA GLY A 37 2.06 -9.75 14.93
C GLY A 37 3.27 -10.19 15.72
N HIS A 38 3.88 -11.33 15.40
CA HIS A 38 5.02 -11.79 16.20
C HIS A 38 6.34 -11.47 15.52
N LEU A 39 7.35 -11.28 16.37
CA LEU A 39 8.74 -11.31 15.94
C LEU A 39 9.25 -12.71 16.22
N TYR A 40 9.77 -13.36 15.21
CA TYR A 40 10.33 -14.71 15.35
C TYR A 40 11.85 -14.66 15.38
N ALA A 41 12.45 -15.50 16.21
CA ALA A 41 13.90 -15.73 16.23
C ALA A 41 14.07 -17.20 15.86
N ILE A 42 14.67 -17.45 14.69
CA ILE A 42 14.82 -18.78 14.13
CA ILE A 42 14.82 -18.79 14.15
C ILE A 42 16.29 -19.20 14.18
N ASN A 43 16.54 -20.43 14.63
CA ASN A 43 17.90 -20.95 14.64
C ASN A 43 18.34 -21.30 13.23
N PRO A 44 19.66 -21.32 12.97
CA PRO A 44 20.13 -21.71 11.62
C PRO A 44 19.60 -23.06 11.11
N ASP A 45 19.28 -24.01 12.00
CA ASP A 45 18.70 -25.28 11.59
C ASP A 45 17.20 -25.21 11.33
N GLY A 46 16.59 -24.02 11.46
CA GLY A 46 15.18 -23.83 11.12
C GLY A 46 14.20 -24.04 12.25
N THR A 47 14.66 -24.35 13.44
CA THR A 47 13.79 -24.48 14.59
C THR A 47 13.60 -23.11 15.26
N GLU A 48 12.44 -22.94 15.90
CA GLU A 48 12.17 -21.68 16.59
C GLU A 48 13.04 -21.53 17.84
N LYS A 49 13.79 -20.43 17.91
CA LYS A 49 14.46 -20.12 19.17
C LYS A 49 13.48 -19.52 20.15
N TRP A 50 12.72 -18.51 19.71
CA TRP A 50 11.65 -17.94 20.50
C TRP A 50 10.77 -17.11 19.55
N ARG A 51 9.64 -16.66 20.09
N ARG A 51 9.61 -16.71 20.08
CA ARG A 51 8.80 -15.72 19.37
CA ARG A 51 8.74 -15.77 19.41
C ARG A 51 8.16 -14.75 20.35
C ARG A 51 8.34 -14.69 20.41
N PHE A 52 8.01 -13.50 19.89
CA PHE A 52 7.56 -12.41 20.75
C PHE A 52 6.31 -11.75 20.17
N LYS A 53 5.27 -11.65 20.98
CA LYS A 53 3.97 -11.21 20.46
C LYS A 53 3.79 -9.70 20.57
N THR A 54 3.43 -9.07 19.44
CA THR A 54 2.86 -7.72 19.47
C THR A 54 1.41 -7.84 18.97
N GLY A 55 0.66 -6.73 19.11
CA GLY A 55 -0.78 -6.85 18.86
C GLY A 55 -1.21 -6.83 17.40
N LYS A 56 -0.36 -6.32 16.50
CA LYS A 56 -0.74 -6.06 15.10
C LYS A 56 0.47 -6.34 14.23
N ALA A 57 0.29 -6.25 12.93
CA ALA A 57 1.33 -6.63 11.99
C ALA A 57 2.61 -5.83 12.24
N ILE A 58 3.74 -6.52 12.08
CA ILE A 58 5.04 -5.89 12.09
C ILE A 58 5.46 -5.70 10.64
N GLU A 59 5.53 -4.41 10.20
N GLU A 59 5.53 -4.45 10.16
CA GLU A 59 5.70 -4.09 8.78
CA GLU A 59 5.71 -4.24 8.73
C GLU A 59 7.16 -4.00 8.32
C GLU A 59 7.11 -3.81 8.32
N ALA A 60 8.08 -3.77 9.24
CA ALA A 60 9.46 -3.43 8.87
C ALA A 60 10.43 -4.37 9.54
N SER A 61 11.64 -4.38 9.01
CA SER A 61 12.65 -5.29 9.54
C SER A 61 13.03 -4.91 10.97
N PRO A 62 13.31 -5.89 11.82
CA PRO A 62 13.95 -5.58 13.11
C PRO A 62 15.37 -5.04 12.92
N VAL A 63 15.87 -4.43 13.99
CA VAL A 63 17.21 -3.85 13.98
C VAL A 63 17.90 -4.33 15.25
N ILE A 64 19.14 -4.78 15.12
CA ILE A 64 19.89 -5.32 16.25
C ILE A 64 20.91 -4.29 16.72
N GLY A 65 20.84 -3.97 18.00
CA GLY A 65 21.83 -3.09 18.62
C GLY A 65 23.15 -3.77 18.86
N GLU A 66 24.14 -2.94 19.23
CA GLU A 66 25.48 -3.46 19.43
C GLU A 66 25.56 -4.42 20.61
N ASP A 67 24.66 -4.30 21.60
CA ASP A 67 24.57 -5.22 22.73
C ASP A 67 23.64 -6.42 22.49
N GLY A 68 23.13 -6.58 21.26
CA GLY A 68 22.27 -7.70 20.93
C GLY A 68 20.78 -7.45 21.11
N THR A 69 20.39 -6.32 21.70
CA THR A 69 18.96 -5.98 21.79
C THR A 69 18.34 -5.90 20.41
N ILE A 70 17.16 -6.47 20.24
CA ILE A 70 16.47 -6.44 18.95
C ILE A 70 15.32 -5.45 19.09
N TYR A 71 15.29 -4.46 18.21
CA TYR A 71 14.23 -3.46 18.23
C TYR A 71 13.27 -3.69 17.07
N VAL A 72 11.98 -3.53 17.30
CA VAL A 72 11.05 -3.71 16.21
C VAL A 72 9.84 -2.84 16.51
N GLY A 73 9.32 -2.17 15.44
CA GLY A 73 8.07 -1.44 15.58
C GLY A 73 6.90 -2.30 15.17
N SER A 74 5.73 -1.96 15.69
CA SER A 74 4.51 -2.68 15.38
C SER A 74 3.40 -1.73 14.94
N ASN A 75 2.46 -2.31 14.20
CA ASN A 75 1.25 -1.56 13.88
C ASN A 75 0.38 -1.32 15.11
N ASP A 76 0.72 -1.95 16.24
CA ASP A 76 0.03 -1.60 17.49
C ASP A 76 0.54 -0.29 18.10
N GLY A 77 1.49 0.38 17.43
CA GLY A 77 1.95 1.68 17.85
C GLY A 77 3.18 1.70 18.73
N HIS A 78 3.67 0.55 19.19
CA HIS A 78 4.79 0.51 20.10
C HIS A 78 6.07 0.15 19.36
N LEU A 79 7.18 0.71 19.88
CA LEU A 79 8.54 0.26 19.58
C LEU A 79 8.92 -0.69 20.72
N TYR A 80 9.26 -1.93 20.37
CA TYR A 80 9.66 -2.96 21.34
C TYR A 80 11.17 -3.12 21.32
N ALA A 81 11.77 -3.20 22.51
CA ALA A 81 13.16 -3.58 22.71
C ALA A 81 13.13 -4.98 23.35
N ILE A 82 13.69 -5.97 22.66
CA ILE A 82 13.63 -7.37 23.03
CA ILE A 82 13.63 -7.37 23.05
C ILE A 82 15.05 -7.86 23.35
N ASN A 83 15.20 -8.56 24.48
CA ASN A 83 16.50 -9.10 24.85
C ASN A 83 16.82 -10.31 23.97
N PRO A 84 18.12 -10.64 23.80
CA PRO A 84 18.47 -11.82 22.98
C PRO A 84 17.75 -13.11 23.38
N ASP A 85 17.35 -13.28 24.67
CA ASP A 85 16.61 -14.46 25.11
C ASP A 85 15.11 -14.36 24.85
N GLY A 86 14.65 -13.28 24.21
CA GLY A 86 13.26 -13.17 23.80
C GLY A 86 12.35 -12.53 24.81
N THR A 87 12.88 -12.09 25.94
CA THR A 87 12.09 -11.37 26.93
C THR A 87 12.06 -9.88 26.59
N GLU A 88 10.99 -9.22 27.00
CA GLU A 88 10.86 -7.80 26.73
C GLU A 88 11.80 -7.00 27.63
N LYS A 89 12.64 -6.18 27.03
CA LYS A 89 13.41 -5.22 27.82
C LYS A 89 12.57 -4.00 28.12
N TRP A 90 11.92 -3.44 27.08
CA TRP A 90 10.95 -2.38 27.33
C TRP A 90 10.09 -2.23 26.08
N ARG A 91 9.02 -1.44 26.21
N ARG A 91 9.01 -1.47 26.23
CA ARG A 91 8.21 -1.05 25.05
CA ARG A 91 8.18 -1.03 25.12
C ARG A 91 7.79 0.41 25.19
C ARG A 91 8.01 0.48 25.21
N PHE A 92 7.75 1.10 24.06
CA PHE A 92 7.57 2.56 24.03
C PHE A 92 6.37 2.85 23.15
N LYS A 93 5.39 3.55 23.70
CA LYS A 93 4.13 3.78 23.01
C LYS A 93 4.16 5.03 22.12
N THR A 94 3.77 4.87 20.86
CA THR A 94 3.36 6.00 20.03
C THR A 94 1.88 5.84 19.71
N GLY A 95 1.27 6.86 19.11
CA GLY A 95 -0.20 6.78 18.95
C GLY A 95 -0.70 5.90 17.81
N LYS A 96 0.12 5.65 16.81
CA LYS A 96 -0.33 5.03 15.57
C LYS A 96 0.77 4.07 15.12
N ALA A 97 0.51 3.34 14.02
CA ALA A 97 1.43 2.31 13.52
C ALA A 97 2.82 2.90 13.27
N ILE A 98 3.84 2.10 13.56
CA ILE A 98 5.23 2.47 13.23
C ILE A 98 5.57 1.66 11.98
N GLU A 99 5.74 2.35 10.84
N GLU A 99 5.75 2.30 10.83
CA GLU A 99 5.84 1.70 9.54
CA GLU A 99 5.85 1.54 9.58
C GLU A 99 7.25 1.25 9.18
C GLU A 99 7.25 1.41 9.00
N ALA A 100 8.28 1.93 9.67
CA ALA A 100 9.65 1.75 9.19
C ALA A 100 10.56 1.32 10.35
N SER A 101 11.73 0.81 9.97
CA SER A 101 12.67 0.33 10.98
C SER A 101 13.25 1.52 11.74
N PRO A 102 13.54 1.35 13.02
CA PRO A 102 14.26 2.39 13.76
C PRO A 102 15.72 2.40 13.36
N VAL A 103 16.43 3.46 13.78
CA VAL A 103 17.87 3.58 13.53
CA VAL A 103 17.86 3.62 13.51
C VAL A 103 18.52 4.01 14.83
N ILE A 104 19.73 3.53 15.06
CA ILE A 104 20.43 3.76 16.32
C ILE A 104 21.62 4.70 16.10
N GLY A 105 21.72 5.75 16.90
CA GLY A 105 22.85 6.66 16.83
C GLY A 105 24.06 6.19 17.60
N GLU A 106 25.16 6.96 17.46
CA GLU A 106 26.43 6.51 18.06
C GLU A 106 26.38 6.46 19.58
N ASP A 107 25.53 7.28 20.21
CA ASP A 107 25.39 7.27 21.67
C ASP A 107 24.31 6.34 22.16
N GLY A 108 23.76 5.50 21.27
CA GLY A 108 22.74 4.53 21.62
C GLY A 108 21.31 5.01 21.47
N THR A 109 21.09 6.29 21.18
CA THR A 109 19.72 6.78 21.03
C THR A 109 19.04 6.08 19.86
N ILE A 110 17.81 5.66 20.08
CA ILE A 110 17.01 4.98 19.05
C ILE A 110 16.02 5.99 18.48
N TYR A 111 16.07 6.20 17.15
CA TYR A 111 15.14 7.11 16.48
C TYR A 111 14.15 6.36 15.62
N VAL A 112 12.89 6.77 15.71
CA VAL A 112 11.91 6.15 14.84
C VAL A 112 10.76 7.10 14.65
N GLY A 113 10.19 7.07 13.42
CA GLY A 113 8.98 7.80 13.12
C GLY A 113 7.73 6.98 13.33
N SER A 114 6.63 7.69 13.52
CA SER A 114 5.34 7.04 13.70
C SER A 114 4.29 7.64 12.75
N ASN A 115 3.23 6.88 12.50
CA ASN A 115 2.06 7.40 11.79
C ASN A 115 1.35 8.48 12.58
N ASP A 116 1.74 8.70 13.86
CA ASP A 116 1.22 9.82 14.62
C ASP A 116 1.89 11.14 14.25
N GLY A 117 2.82 11.11 13.30
CA GLY A 117 3.47 12.32 12.82
C GLY A 117 4.76 12.69 13.52
N HIS A 118 5.10 12.03 14.61
CA HIS A 118 6.29 12.40 15.35
C HIS A 118 7.48 11.54 15.02
N LEU A 119 8.65 12.17 15.07
CA LEU A 119 9.93 11.48 15.18
C LEU A 119 10.25 11.38 16.66
N TYR A 120 10.46 10.15 17.14
CA TYR A 120 10.80 9.90 18.53
C TYR A 120 12.28 9.60 18.67
N ALA A 121 12.91 10.18 19.69
CA ALA A 121 14.27 9.80 20.11
C ALA A 121 14.13 9.13 21.48
N ILE A 122 14.54 7.87 21.56
CA ILE A 122 14.33 7.04 22.75
CA ILE A 122 14.33 7.05 22.76
C ILE A 122 15.70 6.70 23.32
N ASN A 123 15.87 6.91 24.61
CA ASN A 123 17.14 6.52 25.22
C ASN A 123 17.29 5.00 25.28
N PRO A 124 18.55 4.49 25.34
CA PRO A 124 18.75 3.03 25.46
C PRO A 124 17.91 2.39 26.56
N ASP A 125 17.64 3.12 27.66
CA ASP A 125 16.85 2.57 28.78
C ASP A 125 15.34 2.66 28.56
N GLY A 126 14.91 3.14 27.40
CA GLY A 126 13.50 3.14 27.09
C GLY A 126 12.75 4.41 27.45
N THR A 127 13.39 5.37 28.11
CA THR A 127 12.75 6.65 28.40
C THR A 127 12.83 7.55 27.17
N GLU A 128 11.88 8.46 27.03
CA GLU A 128 11.85 9.38 25.89
C GLU A 128 12.93 10.45 26.06
N LYS A 129 13.81 10.58 25.07
CA LYS A 129 14.70 11.72 25.10
C LYS A 129 13.99 12.98 24.58
N TRP A 130 13.30 12.88 23.44
CA TRP A 130 12.44 13.96 22.97
C TRP A 130 11.56 13.40 21.86
N ARG A 131 10.59 14.19 21.43
N ARG A 131 10.60 14.20 21.44
CA ARG A 131 9.78 13.86 20.25
CA ARG A 131 9.81 13.91 20.26
C ARG A 131 9.58 15.13 19.44
C ARG A 131 9.80 15.17 19.40
N PHE A 132 9.55 14.98 18.11
CA PHE A 132 9.52 16.11 17.19
C PHE A 132 8.30 15.96 16.28
N LYS A 133 7.41 16.95 16.29
CA LYS A 133 6.14 16.83 15.56
C LYS A 133 6.26 17.25 14.11
N THR A 134 5.78 16.38 13.22
CA THR A 134 5.51 16.76 11.83
C THR A 134 4.01 16.63 11.63
N GLY A 135 3.49 17.09 10.49
CA GLY A 135 2.02 17.13 10.38
C GLY A 135 1.33 15.79 10.08
N LYS A 136 2.08 14.85 9.51
CA LYS A 136 1.52 13.67 8.89
C LYS A 136 2.46 12.49 9.13
N ALA A 137 1.99 11.30 8.74
CA ALA A 137 2.78 10.09 9.03
C ALA A 137 4.20 10.16 8.46
N ILE A 138 5.14 9.56 9.21
CA ILE A 138 6.54 9.38 8.78
C ILE A 138 6.69 7.92 8.33
N GLU A 139 6.85 7.68 7.02
CA GLU A 139 6.78 6.35 6.40
CA GLU A 139 6.77 6.33 6.48
C GLU A 139 8.11 5.64 6.26
N ALA A 140 9.21 6.34 6.38
CA ALA A 140 10.52 5.75 6.12
C ALA A 140 11.46 6.00 7.28
N SER A 141 12.56 5.24 7.35
CA SER A 141 13.48 5.34 8.47
C SER A 141 14.18 6.70 8.45
N PRO A 142 14.49 7.24 9.63
CA PRO A 142 15.38 8.41 9.67
C PRO A 142 16.79 8.01 9.29
N VAL A 143 17.60 9.02 8.95
CA VAL A 143 19.01 8.84 8.55
C VAL A 143 19.87 9.79 9.39
N ILE A 144 20.96 9.28 9.95
CA ILE A 144 21.84 10.09 10.82
C ILE A 144 23.05 10.53 10.01
N GLY A 145 23.32 11.84 10.03
CA GLY A 145 24.52 12.34 9.37
C GLY A 145 25.78 12.32 10.27
N GLU A 146 26.88 12.78 9.68
CA GLU A 146 28.18 12.64 10.35
C GLU A 146 28.30 13.52 11.59
N ASP A 147 27.54 14.59 11.69
CA ASP A 147 27.52 15.46 12.86
C ASP A 147 26.36 15.15 13.80
N GLY A 148 25.68 14.02 13.58
CA GLY A 148 24.58 13.61 14.44
C GLY A 148 23.22 14.16 14.06
N THR A 149 23.12 15.01 13.02
CA THR A 149 21.83 15.49 12.57
C THR A 149 20.98 14.31 12.13
N ILE A 150 19.73 14.33 12.52
CA ILE A 150 18.77 13.30 12.11
C ILE A 150 17.88 13.86 11.01
N TYR A 151 17.83 13.18 9.87
CA TYR A 151 17.00 13.63 8.76
C TYR A 151 15.83 12.66 8.58
N VAL A 152 14.65 13.23 8.37
CA VAL A 152 13.48 12.37 8.17
C VAL A 152 12.47 13.08 7.27
N GLY A 153 11.91 12.32 6.33
CA GLY A 153 10.82 12.83 5.53
C GLY A 153 9.47 12.58 6.15
N SER A 154 8.49 13.40 5.77
CA SER A 154 7.14 13.25 6.32
C SER A 154 6.13 13.25 5.17
N ASN A 155 4.95 12.69 5.45
CA ASN A 155 3.86 12.81 4.49
C ASN A 155 3.32 14.23 4.41
N ASP A 156 3.82 15.12 5.26
CA ASP A 156 3.49 16.54 5.14
C ASP A 156 4.28 17.22 4.02
N GLY A 157 5.13 16.46 3.34
CA GLY A 157 5.88 16.95 2.20
C GLY A 157 7.27 17.50 2.53
N HIS A 158 7.63 17.63 3.80
CA HIS A 158 8.90 18.25 4.15
C HIS A 158 9.96 17.23 4.53
N LEU A 159 11.21 17.53 4.17
CA LEU A 159 12.35 16.84 4.75
C LEU A 159 12.81 17.66 5.94
N TYR A 160 12.85 17.03 7.10
CA TYR A 160 13.28 17.71 8.34
C TYR A 160 14.70 17.33 8.71
N ALA A 161 15.51 18.31 9.08
CA ALA A 161 16.83 18.10 9.67
C ALA A 161 16.73 18.49 11.14
N ILE A 162 16.89 17.50 12.02
N ILE A 162 16.96 17.53 12.03
CA ILE A 162 16.71 17.66 13.46
CA ILE A 162 16.71 17.70 13.45
C ILE A 162 18.06 17.57 14.17
C ILE A 162 18.04 17.56 14.20
N ASN A 163 18.31 18.52 15.06
CA ASN A 163 19.54 18.46 15.85
C ASN A 163 19.46 17.34 16.89
N PRO A 164 20.62 16.84 17.34
CA PRO A 164 20.59 15.77 18.37
C PRO A 164 19.78 16.14 19.61
N ASP A 165 19.66 17.45 19.94
CA ASP A 165 18.83 17.87 21.06
C ASP A 165 17.34 18.00 20.74
N GLY A 166 16.88 17.60 19.54
CA GLY A 166 15.48 17.64 19.23
C GLY A 166 14.94 18.95 18.68
N THR A 167 15.79 19.97 18.54
CA THR A 167 15.35 21.20 17.88
C THR A 167 15.48 21.07 16.38
N GLU A 168 14.62 21.78 15.65
CA GLU A 168 14.71 21.77 14.20
C GLU A 168 15.91 22.58 13.72
N LYS A 169 16.81 21.93 12.97
CA LYS A 169 17.86 22.66 12.24
C LYS A 169 17.26 23.40 11.04
N TRP A 170 16.48 22.69 10.21
CA TRP A 170 15.78 23.33 9.11
C TRP A 170 14.78 22.32 8.59
N ARG A 171 13.88 22.81 7.74
CA ARG A 171 12.98 21.92 7.03
C ARG A 171 12.96 22.35 5.57
N PHE A 172 12.77 21.39 4.68
CA PHE A 172 12.80 21.66 3.25
C PHE A 172 11.48 21.20 2.65
N LYS A 173 10.76 22.08 1.95
CA LYS A 173 9.43 21.79 1.44
C LYS A 173 9.48 21.14 0.05
N THR A 174 8.82 20.00 -0.06
CA THR A 174 8.41 19.46 -1.36
C THR A 174 6.89 19.46 -1.41
N GLY A 175 6.32 19.19 -2.60
CA GLY A 175 4.89 19.37 -2.72
C GLY A 175 4.03 18.24 -2.21
N LYS A 176 4.61 17.04 -2.04
CA LYS A 176 3.85 15.84 -1.75
C LYS A 176 4.66 14.97 -0.80
N ALA A 177 4.03 13.88 -0.35
CA ALA A 177 4.68 13.02 0.66
C ALA A 177 6.06 12.55 0.23
N ILE A 178 6.98 12.47 1.20
CA ILE A 178 8.30 11.89 0.99
C ILE A 178 8.25 10.47 1.54
N GLU A 179 8.29 9.46 0.66
CA GLU A 179 8.03 8.06 1.03
CA GLU A 179 8.02 8.11 1.14
C GLU A 179 9.26 7.26 1.41
N ALA A 180 10.46 7.73 1.06
CA ALA A 180 11.66 6.92 1.26
C ALA A 180 12.71 7.75 1.99
N SER A 181 13.68 7.06 2.56
CA SER A 181 14.72 7.72 3.35
C SER A 181 15.61 8.56 2.42
N PRO A 182 16.14 9.70 2.90
CA PRO A 182 17.14 10.44 2.12
C PRO A 182 18.47 9.71 2.18
N VAL A 183 19.43 10.20 1.37
N VAL A 183 19.39 10.06 1.26
CA VAL A 183 20.76 9.64 1.21
CA VAL A 183 20.77 9.62 1.32
C VAL A 183 21.75 10.80 1.15
C VAL A 183 21.65 10.86 1.33
N ILE A 184 22.84 10.70 1.91
CA ILE A 184 23.81 11.79 2.06
C ILE A 184 25.07 11.46 1.30
N GLY A 185 25.46 12.36 0.39
CA GLY A 185 26.69 12.16 -0.36
C GLY A 185 27.95 12.46 0.48
N GLU A 186 29.12 12.16 -0.10
CA GLU A 186 30.36 12.32 0.67
C GLU A 186 30.58 13.76 1.05
N ASP A 187 30.19 14.70 0.19
CA ASP A 187 30.34 16.14 0.43
C ASP A 187 29.26 16.71 1.31
N GLY A 188 28.35 15.86 1.82
CA GLY A 188 27.32 16.35 2.69
C GLY A 188 26.00 16.73 2.02
N THR A 189 25.92 16.76 0.67
CA THR A 189 24.63 16.99 0.01
C THR A 189 23.62 15.90 0.37
N ILE A 190 22.40 16.30 0.63
CA ILE A 190 21.31 15.38 1.01
C ILE A 190 20.39 15.23 -0.18
N TYR A 191 20.19 13.98 -0.63
CA TYR A 191 19.32 13.70 -1.78
C TYR A 191 18.04 13.01 -1.31
N VAL A 192 16.89 13.41 -1.84
CA VAL A 192 15.61 12.81 -1.42
C VAL A 192 14.64 12.96 -2.58
N GLY A 193 13.89 11.90 -2.86
CA GLY A 193 12.81 11.98 -3.80
C GLY A 193 11.49 12.32 -3.11
N SER A 194 10.54 12.79 -3.92
CA SER A 194 9.22 13.14 -3.41
C SER A 194 8.13 12.53 -4.30
N ASN A 195 6.93 12.42 -3.73
CA ASN A 195 5.77 12.04 -4.55
C ASN A 195 5.40 13.15 -5.54
N ASP A 196 5.99 14.33 -5.39
CA ASP A 196 5.86 15.38 -6.41
C ASP A 196 6.65 15.06 -7.68
N GLY A 197 7.39 13.96 -7.69
CA GLY A 197 8.10 13.51 -8.88
C GLY A 197 9.54 14.00 -9.00
N HIS A 198 9.99 14.87 -8.10
CA HIS A 198 11.33 15.42 -8.23
C HIS A 198 12.30 14.74 -7.28
N LEU A 199 13.54 14.57 -7.74
CA LEU A 199 14.70 14.32 -6.90
C LEU A 199 15.30 15.66 -6.50
N TYR A 200 15.40 15.90 -5.21
CA TYR A 200 15.97 17.13 -4.66
C TYR A 200 17.38 16.88 -4.12
N ALA A 201 18.31 17.77 -4.46
CA ALA A 201 19.63 17.84 -3.82
C ALA A 201 19.63 19.06 -2.91
N ILE A 202 19.82 18.80 -1.61
CA ILE A 202 19.72 19.82 -0.58
C ILE A 202 21.10 20.06 0.03
N ASN A 203 21.51 21.32 0.06
CA ASN A 203 22.79 21.68 0.69
C ASN A 203 22.72 21.45 2.20
N PRO A 204 23.90 21.27 2.84
CA PRO A 204 23.95 21.11 4.31
C PRO A 204 23.19 22.14 5.11
N ASP A 205 23.16 23.39 4.63
CA ASP A 205 22.43 24.46 5.29
C ASP A 205 20.93 24.49 5.01
N GLY A 206 20.38 23.56 4.21
CA GLY A 206 18.94 23.52 4.04
C GLY A 206 18.44 24.20 2.78
N THR A 207 19.34 24.85 2.02
CA THR A 207 18.95 25.46 0.74
C THR A 207 18.96 24.42 -0.37
N GLU A 208 18.14 24.67 -1.38
CA GLU A 208 18.12 23.77 -2.53
C GLU A 208 19.39 23.93 -3.37
N LYS A 209 20.08 22.82 -3.62
CA LYS A 209 21.16 22.82 -4.58
C LYS A 209 20.61 22.71 -6.00
N TRP A 210 19.73 21.73 -6.22
CA TRP A 210 19.03 21.62 -7.49
C TRP A 210 17.87 20.68 -7.30
N ARG A 211 16.98 20.62 -8.30
N ARG A 211 17.06 20.59 -8.36
CA ARG A 211 15.94 19.60 -8.32
CA ARG A 211 15.89 19.74 -8.47
C ARG A 211 15.84 19.05 -9.73
C ARG A 211 16.04 18.97 -9.78
N PHE A 212 15.46 17.78 -9.84
CA PHE A 212 15.41 17.06 -11.10
C PHE A 212 14.04 16.46 -11.25
N LYS A 213 13.37 16.75 -12.35
CA LYS A 213 11.96 16.35 -12.48
C LYS A 213 11.85 14.99 -13.15
N THR A 214 11.06 14.09 -12.53
CA THR A 214 10.53 12.91 -13.21
C THR A 214 9.01 13.06 -13.26
N GLY A 215 8.36 12.16 -14.00
CA GLY A 215 6.93 12.41 -14.28
C GLY A 215 5.99 12.04 -13.15
N LYS A 216 6.41 11.18 -12.25
CA LYS A 216 5.54 10.51 -11.29
C LYS A 216 6.33 10.34 -10.00
N ALA A 217 5.64 9.85 -8.97
CA ALA A 217 6.25 9.75 -7.65
C ALA A 217 7.54 8.94 -7.66
N ILE A 218 8.51 9.36 -6.84
CA ILE A 218 9.74 8.61 -6.59
C ILE A 218 9.56 7.88 -5.27
N GLU A 219 9.39 6.54 -5.33
N GLU A 219 9.42 6.56 -5.28
CA GLU A 219 8.99 5.75 -4.17
CA GLU A 219 9.00 5.85 -4.08
C GLU A 219 10.15 5.29 -3.31
C GLU A 219 10.14 5.15 -3.35
N ALA A 220 11.36 5.24 -3.85
CA ALA A 220 12.49 4.58 -3.20
C ALA A 220 13.69 5.50 -3.08
N SER A 221 14.61 5.14 -2.20
CA SER A 221 15.74 6.04 -1.99
C SER A 221 16.66 6.06 -3.23
N PRO A 222 17.32 7.19 -3.48
CA PRO A 222 18.37 7.24 -4.51
C PRO A 222 19.59 6.46 -4.06
N VAL A 223 20.41 6.09 -5.04
CA VAL A 223 21.70 5.41 -4.78
C VAL A 223 22.80 6.19 -5.48
N ILE A 224 23.93 6.38 -4.79
CA ILE A 224 25.04 7.16 -5.35
C ILE A 224 26.16 6.20 -5.79
N GLY A 225 26.57 6.33 -7.02
CA GLY A 225 27.66 5.52 -7.55
C GLY A 225 29.03 6.06 -7.17
N GLU A 226 30.07 5.25 -7.43
CA GLU A 226 31.42 5.62 -7.00
C GLU A 226 31.87 6.95 -7.58
N ASP A 227 31.47 7.25 -8.83
CA ASP A 227 31.84 8.52 -9.46
C ASP A 227 30.93 9.70 -9.11
N GLY A 228 29.95 9.51 -8.20
CA GLY A 228 29.05 10.56 -7.80
C GLY A 228 27.70 10.58 -8.54
N THR A 229 27.54 9.78 -9.60
CA THR A 229 26.24 9.72 -10.25
C THR A 229 25.16 9.29 -9.26
N ILE A 230 24.02 9.97 -9.36
CA ILE A 230 22.87 9.63 -8.51
C ILE A 230 21.84 8.89 -9.36
N TYR A 231 21.52 7.67 -8.94
CA TYR A 231 20.53 6.86 -9.64
C TYR A 231 19.23 6.82 -8.86
N VAL A 232 18.11 6.99 -9.58
CA VAL A 232 16.80 6.95 -8.93
C VAL A 232 15.78 6.40 -9.92
N GLY A 233 14.89 5.50 -9.43
CA GLY A 233 13.75 5.05 -10.22
C GLY A 233 12.56 5.93 -9.97
N SER A 234 11.64 5.90 -10.90
CA SER A 234 10.40 6.67 -10.77
C SER A 234 9.19 5.80 -11.14
N ASN A 235 8.04 6.25 -10.65
CA ASN A 235 6.80 5.61 -11.08
C ASN A 235 6.49 5.91 -12.54
N ASP A 236 7.23 6.79 -13.20
CA ASP A 236 7.07 7.00 -14.65
C ASP A 236 7.75 5.87 -15.44
N GLY A 237 8.34 4.92 -14.74
CA GLY A 237 8.89 3.74 -15.38
C GLY A 237 10.36 3.84 -15.73
N HIS A 238 10.98 5.01 -15.59
CA HIS A 238 12.38 5.15 -15.97
C HIS A 238 13.31 5.06 -14.76
N LEU A 239 14.52 4.53 -15.01
CA LEU A 239 15.65 4.72 -14.12
C LEU A 239 16.44 5.92 -14.62
N TYR A 240 16.70 6.87 -13.74
CA TYR A 240 17.43 8.07 -14.11
C TYR A 240 18.84 8.02 -13.52
N ALA A 241 19.82 8.45 -14.32
CA ALA A 241 21.19 8.66 -13.84
C ALA A 241 21.41 10.15 -13.92
N ILE A 242 21.61 10.78 -12.76
N ILE A 242 21.68 10.77 -12.77
CA ILE A 242 21.78 12.24 -12.63
CA ILE A 242 21.79 12.23 -12.66
C ILE A 242 23.22 12.58 -12.23
C ILE A 242 23.20 12.60 -12.23
N ASN A 243 23.79 13.55 -12.94
CA ASN A 243 25.13 14.00 -12.60
C ASN A 243 25.11 14.80 -11.29
N PRO A 244 26.27 14.92 -10.62
CA PRO A 244 26.28 15.70 -9.37
C PRO A 244 25.80 17.15 -9.52
N ASP A 245 25.93 17.75 -10.72
CA ASP A 245 25.40 19.10 -10.97
C ASP A 245 23.92 19.14 -11.29
N GLY A 246 23.20 18.03 -11.23
CA GLY A 246 21.77 18.07 -11.45
C GLY A 246 21.31 17.89 -12.89
N THR A 247 22.23 17.71 -13.83
CA THR A 247 21.85 17.45 -15.21
C THR A 247 21.68 15.93 -15.41
N GLU A 248 20.87 15.57 -16.40
CA GLU A 248 20.62 14.17 -16.70
C GLU A 248 21.80 13.57 -17.45
N LYS A 249 22.39 12.51 -16.90
CA LYS A 249 23.38 11.72 -17.64
C LYS A 249 22.68 10.79 -18.64
N TRP A 250 21.66 10.07 -18.19
CA TRP A 250 20.83 9.31 -19.10
C TRP A 250 19.57 8.91 -18.36
N ARG A 251 18.60 8.41 -19.11
CA ARG A 251 17.46 7.72 -18.51
C ARG A 251 17.26 6.40 -19.24
N PHE A 252 16.69 5.42 -18.55
CA PHE A 252 16.45 4.10 -19.11
C PHE A 252 14.99 3.74 -18.90
N LYS A 253 14.27 3.37 -19.98
CA LYS A 253 12.83 3.13 -19.90
C LYS A 253 12.49 1.67 -19.57
N THR A 254 11.67 1.45 -18.54
CA THR A 254 10.96 0.18 -18.35
C THR A 254 9.48 0.48 -18.54
N GLY A 255 8.65 -0.58 -18.60
CA GLY A 255 7.25 -0.34 -18.96
C GLY A 255 6.36 0.17 -17.84
N LYS A 256 6.76 0.03 -16.59
CA LYS A 256 5.89 0.21 -15.46
C LYS A 256 6.71 0.79 -14.32
N ALA A 257 6.03 1.18 -13.24
CA ALA A 257 6.74 1.83 -12.12
C ALA A 257 7.91 0.99 -11.62
N ILE A 258 8.96 1.69 -11.17
CA ILE A 258 10.13 1.09 -10.54
C ILE A 258 9.99 1.40 -9.06
N GLU A 259 9.62 0.42 -8.25
CA GLU A 259 9.21 0.70 -6.87
C GLU A 259 10.35 0.66 -5.86
N ALA A 260 11.49 0.08 -6.19
CA ALA A 260 12.57 -0.12 -5.24
C ALA A 260 13.86 0.51 -5.73
N SER A 261 14.83 0.63 -4.81
CA SER A 261 16.09 1.25 -5.16
C SER A 261 16.90 0.34 -6.09
N PRO A 262 17.65 0.91 -7.02
CA PRO A 262 18.59 0.10 -7.82
C PRO A 262 19.77 -0.31 -6.95
N VAL A 263 20.53 -1.29 -7.43
CA VAL A 263 21.75 -1.75 -6.77
CA VAL A 263 21.77 -1.71 -6.77
C VAL A 263 22.86 -1.83 -7.81
N ILE A 264 24.10 -1.51 -7.40
CA ILE A 264 25.24 -1.44 -8.31
C ILE A 264 26.16 -2.63 -8.07
N GLY A 265 26.46 -3.40 -9.12
CA GLY A 265 27.39 -4.51 -9.01
C GLY A 265 28.83 -4.07 -8.94
N GLU A 266 29.68 -5.07 -8.78
CA GLU A 266 31.09 -4.79 -8.57
C GLU A 266 31.71 -4.10 -9.78
N ASP A 267 31.27 -4.47 -10.98
CA ASP A 267 31.73 -3.88 -12.23
C ASP A 267 30.97 -2.61 -12.65
N GLY A 268 30.12 -2.06 -11.79
CA GLY A 268 29.39 -0.86 -12.16
C GLY A 268 28.02 -1.09 -12.79
N THR A 269 27.67 -2.30 -13.17
CA THR A 269 26.34 -2.58 -13.74
C THR A 269 25.30 -2.16 -12.73
N ILE A 270 24.21 -1.54 -13.20
CA ILE A 270 23.12 -1.11 -12.33
C ILE A 270 21.94 -2.05 -12.55
N TYR A 271 21.46 -2.66 -11.47
CA TYR A 271 20.33 -3.61 -11.52
C TYR A 271 19.10 -2.98 -10.91
N VAL A 272 17.95 -3.14 -11.61
CA VAL A 272 16.69 -2.60 -11.08
C VAL A 272 15.57 -3.53 -11.51
N GLY A 273 14.63 -3.81 -10.59
CA GLY A 273 13.38 -4.48 -10.96
C GLY A 273 12.32 -3.48 -11.33
N SER A 274 11.32 -3.95 -12.08
CA SER A 274 10.24 -3.09 -12.53
C SER A 274 8.91 -3.80 -12.27
N ASN A 275 7.84 -2.99 -12.18
CA ASN A 275 6.51 -3.57 -12.14
C ASN A 275 6.13 -4.21 -13.46
N ASP A 276 6.93 -4.05 -14.52
CA ASP A 276 6.71 -4.81 -15.74
C ASP A 276 7.19 -6.27 -15.60
N GLY A 277 7.70 -6.66 -14.43
CA GLY A 277 8.07 -8.01 -14.17
C GLY A 277 9.52 -8.34 -14.50
N HIS A 278 10.24 -7.46 -15.17
CA HIS A 278 11.63 -7.74 -15.53
C HIS A 278 12.62 -7.23 -14.51
N LEU A 279 13.73 -7.96 -14.42
CA LEU A 279 14.96 -7.46 -13.80
C LEU A 279 15.83 -6.94 -14.92
N TYR A 280 16.27 -5.69 -14.84
CA TYR A 280 17.10 -5.06 -15.86
C TYR A 280 18.51 -4.96 -15.32
N ALA A 281 19.50 -5.19 -16.21
CA ALA A 281 20.90 -4.92 -15.93
C ALA A 281 21.31 -3.83 -16.91
N ILE A 282 21.73 -2.68 -16.38
CA ILE A 282 22.03 -1.49 -17.18
CA ILE A 282 22.03 -1.51 -17.19
C ILE A 282 23.52 -1.20 -17.07
N ASN A 283 24.16 -0.99 -18.20
CA ASN A 283 25.57 -0.62 -18.20
C ASN A 283 25.72 0.79 -17.66
N PRO A 284 26.91 1.14 -17.14
CA PRO A 284 27.13 2.51 -16.66
C PRO A 284 26.81 3.59 -17.69
N ASP A 285 26.87 3.29 -18.99
CA ASP A 285 26.55 4.29 -20.02
C ASP A 285 25.06 4.37 -20.38
N GLY A 286 24.22 3.61 -19.70
CA GLY A 286 22.78 3.70 -19.91
C GLY A 286 22.21 2.70 -20.89
N THR A 287 23.05 1.87 -21.51
CA THR A 287 22.54 0.89 -22.45
C THR A 287 22.15 -0.36 -21.68
N GLU A 288 21.19 -1.09 -22.23
CA GLU A 288 20.74 -2.32 -21.58
C GLU A 288 21.80 -3.41 -21.75
N LYS A 289 22.24 -3.98 -20.63
CA LYS A 289 23.11 -5.15 -20.72
C LYS A 289 22.27 -6.41 -20.98
N TRP A 290 21.20 -6.56 -20.22
CA TRP A 290 20.21 -7.61 -20.50
C TRP A 290 18.99 -7.32 -19.65
N ARG A 291 17.94 -8.07 -19.89
CA ARG A 291 16.79 -8.06 -19.00
C ARG A 291 16.33 -9.50 -18.80
N PHE A 292 15.66 -9.77 -17.67
CA PHE A 292 15.23 -11.11 -17.33
C PHE A 292 13.76 -11.05 -16.92
N LYS A 293 12.91 -11.93 -17.48
CA LYS A 293 11.46 -11.80 -17.30
C LYS A 293 10.98 -12.69 -16.16
N THR A 294 10.27 -12.10 -15.19
CA THR A 294 9.44 -12.83 -14.27
C THR A 294 7.97 -12.53 -14.62
N GLY A 295 7.06 -13.26 -13.98
CA GLY A 295 5.65 -13.16 -14.39
C GLY A 295 4.91 -11.94 -13.89
N LYS A 296 5.37 -11.31 -12.81
CA LYS A 296 4.61 -10.31 -12.07
C LYS A 296 5.60 -9.28 -11.56
N ALA A 297 5.08 -8.22 -10.96
CA ALA A 297 5.93 -7.11 -10.50
C ALA A 297 7.02 -7.58 -9.55
N ILE A 298 8.19 -6.94 -9.67
CA ILE A 298 9.28 -7.13 -8.73
C ILE A 298 9.25 -5.92 -7.81
N GLU A 299 8.86 -6.14 -6.54
CA GLU A 299 8.59 -5.03 -5.63
C GLU A 299 9.80 -4.56 -4.82
N ALA A 300 10.86 -5.34 -4.71
CA ALA A 300 11.96 -5.02 -3.79
C ALA A 300 13.27 -5.02 -4.55
N SER A 301 14.30 -4.44 -3.92
CA SER A 301 15.58 -4.32 -4.62
C SER A 301 16.19 -5.71 -4.84
N PRO A 302 16.88 -5.90 -5.95
CA PRO A 302 17.72 -7.09 -6.10
C PRO A 302 18.84 -7.10 -5.05
N VAL A 303 19.37 -8.29 -4.77
CA VAL A 303 20.49 -8.46 -3.85
C VAL A 303 21.60 -9.20 -4.58
N ILE A 304 22.85 -8.77 -4.43
CA ILE A 304 23.95 -9.35 -5.20
C ILE A 304 24.77 -10.19 -4.25
N GLY A 305 24.94 -11.47 -4.58
CA GLY A 305 25.74 -12.38 -3.79
C GLY A 305 27.23 -12.16 -4.02
N GLU A 306 28.00 -12.83 -3.18
CA GLU A 306 29.44 -12.63 -3.24
C GLU A 306 30.04 -13.04 -4.59
N ASP A 307 29.43 -14.03 -5.28
CA ASP A 307 29.96 -14.45 -6.56
C ASP A 307 29.35 -13.69 -7.74
N GLY A 308 28.56 -12.63 -7.49
CA GLY A 308 27.96 -11.90 -8.58
C GLY A 308 26.53 -12.30 -8.92
N THR A 309 26.03 -13.43 -8.42
CA THR A 309 24.63 -13.81 -8.69
C THR A 309 23.71 -12.69 -8.20
N ILE A 310 22.65 -12.45 -8.96
CA ILE A 310 21.67 -11.43 -8.60
C ILE A 310 20.40 -12.18 -8.17
N TYR A 311 19.96 -11.96 -6.93
CA TYR A 311 18.74 -12.57 -6.42
C TYR A 311 17.60 -11.57 -6.39
N VAL A 312 16.43 -11.98 -6.84
CA VAL A 312 15.29 -11.09 -6.80
C VAL A 312 14.03 -11.92 -6.56
N GLY A 313 13.17 -11.45 -5.63
CA GLY A 313 11.84 -12.03 -5.52
C GLY A 313 10.83 -11.38 -6.44
N SER A 314 9.77 -12.12 -6.76
CA SER A 314 8.74 -11.63 -7.67
C SER A 314 7.36 -11.80 -7.05
N ASN A 315 6.42 -10.99 -7.56
CA ASN A 315 5.03 -11.24 -7.18
C ASN A 315 4.48 -12.51 -7.81
N ASP A 316 5.22 -13.14 -8.72
CA ASP A 316 4.85 -14.47 -9.21
C ASP A 316 5.17 -15.57 -8.19
N GLY A 317 5.72 -15.22 -7.03
CA GLY A 317 5.90 -16.18 -5.96
C GLY A 317 7.28 -16.80 -5.90
N HIS A 318 8.09 -16.62 -6.93
CA HIS A 318 9.41 -17.25 -6.99
C HIS A 318 10.51 -16.30 -6.54
N LEU A 319 11.57 -16.92 -6.01
CA LEU A 319 12.86 -16.25 -5.81
C LEU A 319 13.73 -16.69 -6.97
N TYR A 320 14.28 -15.74 -7.71
CA TYR A 320 15.12 -16.01 -8.88
C TYR A 320 16.57 -15.77 -8.50
N ALA A 321 17.46 -16.64 -8.99
CA ALA A 321 18.89 -16.42 -8.91
C ALA A 321 19.35 -16.31 -10.35
N ILE A 322 19.90 -15.14 -10.71
CA ILE A 322 20.25 -14.80 -12.08
C ILE A 322 21.77 -14.66 -12.17
N ASN A 323 22.36 -15.29 -13.18
CA ASN A 323 23.81 -15.13 -13.36
C ASN A 323 24.12 -13.75 -13.92
N PRO A 324 25.35 -13.25 -13.68
CA PRO A 324 25.75 -11.96 -14.25
C PRO A 324 25.53 -11.76 -15.74
N ASP A 325 25.50 -12.84 -16.55
CA ASP A 325 25.24 -12.73 -17.99
C ASP A 325 23.75 -12.78 -18.33
N GLY A 326 22.89 -12.76 -17.33
CA GLY A 326 21.45 -12.68 -17.51
C GLY A 326 20.74 -13.99 -17.74
N THR A 327 21.43 -15.13 -17.61
CA THR A 327 20.76 -16.43 -17.68
C THR A 327 20.31 -16.84 -16.29
N GLU A 328 19.25 -17.63 -16.22
CA GLU A 328 18.73 -18.04 -14.92
C GLU A 328 19.61 -19.13 -14.32
N LYS A 329 20.06 -18.90 -13.10
CA LYS A 329 20.78 -19.96 -12.36
C LYS A 329 19.78 -20.99 -11.83
N TRP A 330 18.73 -20.53 -11.16
CA TRP A 330 17.61 -21.36 -10.72
C TRP A 330 16.49 -20.42 -10.32
N ARG A 331 15.31 -20.99 -10.12
N ARG A 331 15.30 -20.99 -10.13
CA ARG A 331 14.26 -20.28 -9.42
CA ARG A 331 14.18 -20.33 -9.49
C ARG A 331 13.66 -21.20 -8.36
C ARG A 331 13.67 -21.21 -8.36
N PHE A 332 13.09 -20.59 -7.34
CA PHE A 332 12.54 -21.31 -6.18
C PHE A 332 11.10 -20.86 -5.93
N LYS A 333 10.16 -21.80 -5.84
CA LYS A 333 8.73 -21.46 -5.79
C LYS A 333 8.24 -21.33 -4.36
N THR A 334 7.57 -20.20 -4.06
CA THR A 334 6.75 -20.07 -2.86
C THR A 334 5.31 -19.89 -3.33
N GLY A 335 4.35 -19.93 -2.41
CA GLY A 335 2.96 -19.93 -2.90
C GLY A 335 2.41 -18.56 -3.28
N LYS A 336 3.01 -17.49 -2.77
CA LYS A 336 2.44 -16.15 -2.87
C LYS A 336 3.57 -15.17 -3.13
N ALA A 337 3.22 -13.89 -3.29
CA ALA A 337 4.21 -12.87 -3.65
C ALA A 337 5.30 -12.75 -2.59
N ILE A 338 6.52 -12.46 -3.07
CA ILE A 338 7.66 -12.19 -2.19
C ILE A 338 7.87 -10.68 -2.20
N GLU A 339 7.55 -10.03 -1.09
N GLU A 339 7.57 -10.00 -1.10
CA GLU A 339 7.47 -8.57 -1.06
CA GLU A 339 7.49 -8.54 -1.12
C GLU A 339 8.79 -7.87 -0.77
C GLU A 339 8.69 -7.82 -0.53
N ALA A 340 9.73 -8.53 -0.09
CA ALA A 340 10.93 -7.88 0.43
C ALA A 340 12.16 -8.56 -0.15
N SER A 341 13.30 -7.87 -0.04
CA SER A 341 14.56 -8.38 -0.58
C SER A 341 14.98 -9.59 0.25
N PRO A 342 15.59 -10.60 -0.37
CA PRO A 342 16.21 -11.66 0.41
C PRO A 342 17.48 -11.18 1.13
N VAL A 343 17.88 -11.97 2.09
N VAL A 343 17.94 -12.04 2.05
CA VAL A 343 19.18 -11.73 2.72
CA VAL A 343 19.13 -11.78 2.88
C VAL A 343 20.02 -12.99 2.55
C VAL A 343 20.03 -13.02 2.88
N ILE A 344 21.34 -12.83 2.58
CA ILE A 344 22.28 -13.94 2.42
C ILE A 344 23.12 -14.10 3.67
N GLY A 345 23.12 -15.32 4.22
CA GLY A 345 23.98 -15.63 5.34
C GLY A 345 25.44 -15.86 4.95
N GLU A 346 26.27 -16.00 5.97
N GLU A 346 26.27 -16.00 5.97
CA GLU A 346 27.71 -16.12 5.74
CA GLU A 346 27.70 -16.12 5.73
C GLU A 346 28.06 -17.39 4.97
C GLU A 346 28.06 -17.39 4.95
N ASP A 347 27.30 -18.47 5.17
CA ASP A 347 27.50 -19.71 4.40
C ASP A 347 26.79 -19.73 3.05
N GLY A 348 26.20 -18.62 2.60
CA GLY A 348 25.54 -18.57 1.31
C GLY A 348 24.05 -18.92 1.32
N THR A 349 23.51 -19.36 2.45
CA THR A 349 22.07 -19.61 2.54
C THR A 349 21.32 -18.31 2.25
N ILE A 350 20.30 -18.40 1.41
CA ILE A 350 19.48 -17.25 1.07
C ILE A 350 18.18 -17.36 1.86
N TYR A 351 17.85 -16.33 2.66
CA TYR A 351 16.61 -16.31 3.45
C TYR A 351 15.62 -15.31 2.86
N VAL A 352 14.36 -15.71 2.76
CA VAL A 352 13.36 -14.75 2.28
C VAL A 352 12.00 -15.15 2.80
N GLY A 353 11.23 -14.15 3.22
CA GLY A 353 9.83 -14.39 3.56
C GLY A 353 8.89 -14.29 2.38
N SER A 354 7.74 -14.91 2.52
CA SER A 354 6.72 -14.89 1.47
C SER A 354 5.36 -14.49 2.04
N ASN A 355 4.48 -14.03 1.13
CA ASN A 355 3.09 -13.77 1.51
C ASN A 355 2.35 -15.07 1.87
N ASP A 356 2.95 -16.23 1.57
CA ASP A 356 2.40 -17.51 2.04
C ASP A 356 2.65 -17.76 3.54
N GLY A 357 3.33 -16.83 4.23
CA GLY A 357 3.53 -16.89 5.65
C GLY A 357 4.82 -17.54 6.09
N HIS A 358 5.55 -18.14 5.17
CA HIS A 358 6.75 -18.89 5.56
C HIS A 358 8.00 -18.04 5.35
N LEU A 359 8.98 -18.29 6.21
CA LEU A 359 10.35 -17.86 5.95
C LEU A 359 11.09 -19.04 5.33
N TYR A 360 11.70 -18.84 4.15
CA TYR A 360 12.40 -19.90 3.45
C TYR A 360 13.89 -19.73 3.61
N ALA A 361 14.59 -20.84 3.84
CA ALA A 361 16.06 -20.88 3.82
C ALA A 361 16.42 -21.72 2.58
N ILE A 362 17.13 -21.12 1.63
N ILE A 362 17.05 -21.09 1.60
CA ILE A 362 17.42 -21.71 0.31
CA ILE A 362 17.40 -21.74 0.33
C ILE A 362 18.93 -21.87 0.12
C ILE A 362 18.91 -21.96 0.36
N ASN A 363 19.36 -23.08 -0.21
CA ASN A 363 20.80 -23.31 -0.38
C ASN A 363 21.30 -22.59 -1.64
N ASP B 5 -18.93 -15.01 -22.39
CA ASP B 5 -18.35 -16.34 -22.74
C ASP B 5 -16.82 -16.46 -22.50
N GLY B 6 -16.16 -15.42 -22.03
CA GLY B 6 -14.78 -15.36 -21.57
C GLY B 6 -13.86 -14.95 -22.70
N THR B 7 -14.41 -14.62 -23.87
CA THR B 7 -13.57 -14.19 -25.01
C THR B 7 -13.34 -12.68 -24.93
N GLU B 8 -12.20 -12.23 -25.40
CA GLU B 8 -11.90 -10.80 -25.39
C GLU B 8 -12.73 -10.06 -26.45
N LYS B 9 -13.51 -9.08 -26.02
CA LYS B 9 -14.14 -8.15 -26.96
C LYS B 9 -13.12 -7.16 -27.51
N TRP B 10 -12.35 -6.53 -26.61
CA TRP B 10 -11.22 -5.70 -27.02
C TRP B 10 -10.40 -5.42 -25.77
N ARG B 11 -9.20 -4.86 -25.96
CA ARG B 11 -8.45 -4.30 -24.85
C ARG B 11 -7.95 -2.92 -25.24
N PHE B 12 -7.74 -2.07 -24.23
CA PHE B 12 -7.29 -0.71 -24.49
C PHE B 12 -6.06 -0.41 -23.63
N LYS B 13 -5.00 0.09 -24.28
CA LYS B 13 -3.71 0.25 -23.60
C LYS B 13 -3.57 1.62 -22.93
N THR B 14 -3.27 1.61 -21.64
CA THR B 14 -2.72 2.80 -20.96
C THR B 14 -1.28 2.51 -20.57
N GLY B 15 -0.55 3.52 -20.10
CA GLY B 15 0.88 3.28 -19.94
C GLY B 15 1.25 2.58 -18.64
N LYS B 16 0.39 2.61 -17.63
CA LYS B 16 0.72 2.17 -16.29
C LYS B 16 -0.48 1.45 -15.69
N ALA B 17 -0.27 0.85 -14.51
CA ALA B 17 -1.33 0.10 -13.85
C ALA B 17 -2.63 0.89 -13.74
N ILE B 18 -3.74 0.17 -13.90
CA ILE B 18 -5.11 0.70 -13.64
C ILE B 18 -5.54 0.16 -12.28
N GLU B 19 -5.61 1.05 -11.27
N GLU B 19 -5.65 1.01 -11.27
CA GLU B 19 -5.83 0.67 -9.87
CA GLU B 19 -5.84 0.53 -9.91
C GLU B 19 -7.29 0.47 -9.49
C GLU B 19 -7.26 0.63 -9.36
N ALA B 20 -8.20 1.17 -10.13
CA ALA B 20 -9.57 1.27 -9.66
C ALA B 20 -10.54 0.78 -10.72
N SER B 21 -11.78 0.51 -10.30
CA SER B 21 -12.78 0.00 -11.24
C SER B 21 -13.18 1.08 -12.25
N PRO B 22 -13.49 0.69 -13.48
CA PRO B 22 -14.03 1.64 -14.46
C PRO B 22 -15.46 1.98 -14.09
N VAL B 23 -15.95 3.08 -14.66
CA VAL B 23 -17.34 3.49 -14.50
C VAL B 23 -17.92 3.74 -15.87
N ILE B 24 -19.18 3.35 -16.06
CA ILE B 24 -19.81 3.43 -17.37
C ILE B 24 -20.85 4.55 -17.36
N GLY B 25 -20.78 5.44 -18.35
CA GLY B 25 -21.77 6.50 -18.46
C GLY B 25 -23.03 6.08 -19.21
N GLU B 26 -23.96 7.03 -19.30
CA GLU B 26 -25.27 6.70 -19.84
C GLU B 26 -25.21 6.29 -21.30
N ASP B 27 -24.29 6.88 -22.07
CA ASP B 27 -24.15 6.51 -23.49
C ASP B 27 -23.20 5.33 -23.70
N GLY B 28 -22.77 4.67 -22.61
CA GLY B 28 -21.88 3.53 -22.71
C GLY B 28 -20.39 3.84 -22.72
N THR B 29 -20.00 5.11 -22.73
CA THR B 29 -18.60 5.47 -22.56
C THR B 29 -18.05 4.85 -21.27
N ILE B 30 -16.87 4.25 -21.36
CA ILE B 30 -16.19 3.69 -20.19
C ILE B 30 -15.11 4.66 -19.74
N TYR B 31 -15.17 5.08 -18.49
CA TYR B 31 -14.18 5.98 -17.89
C TYR B 31 -13.29 5.19 -16.94
N VAL B 32 -11.98 5.41 -17.01
CA VAL B 32 -11.07 4.69 -16.10
C VAL B 32 -9.83 5.57 -15.92
N GLY B 33 -9.37 5.70 -14.66
CA GLY B 33 -8.09 6.34 -14.41
C GLY B 33 -6.95 5.37 -14.55
N SER B 34 -5.77 5.92 -14.79
CA SER B 34 -4.54 5.14 -14.87
C SER B 34 -3.45 5.76 -13.99
N ASN B 35 -2.47 4.91 -13.62
CA ASN B 35 -1.28 5.41 -12.96
C ASN B 35 -0.41 6.23 -13.91
N ASP B 36 -0.77 6.28 -15.19
CA ASP B 36 -0.09 7.20 -16.11
C ASP B 36 -0.60 8.62 -15.96
N GLY B 37 -1.60 8.83 -15.08
CA GLY B 37 -2.10 10.13 -14.73
C GLY B 37 -3.29 10.58 -15.56
N HIS B 38 -3.69 9.83 -16.57
CA HIS B 38 -4.83 10.27 -17.37
C HIS B 38 -6.11 9.64 -16.89
N LEU B 39 -7.19 10.40 -17.06
CA LEU B 39 -8.52 9.82 -17.05
C LEU B 39 -8.89 9.54 -18.48
N TYR B 40 -9.10 8.27 -18.79
CA TYR B 40 -9.49 7.86 -20.14
C TYR B 40 -10.99 7.74 -20.29
N ALA B 41 -11.49 8.15 -21.45
CA ALA B 41 -12.86 7.88 -21.84
C ALA B 41 -12.78 7.01 -23.09
N ILE B 42 -13.33 5.81 -22.99
CA ILE B 42 -13.24 4.80 -24.05
CA ILE B 42 -13.25 4.80 -24.06
C ILE B 42 -14.65 4.55 -24.61
N ASN B 43 -14.76 4.56 -25.95
CA ASN B 43 -16.05 4.28 -26.60
C ASN B 43 -16.38 2.80 -26.44
N PRO B 44 -17.67 2.44 -26.52
CA PRO B 44 -18.02 1.03 -26.39
C PRO B 44 -17.32 0.10 -27.37
N ASP B 45 -16.81 0.58 -28.52
CA ASP B 45 -16.08 -0.24 -29.48
C ASP B 45 -14.59 -0.35 -29.18
N GLY B 46 -14.12 0.20 -28.04
CA GLY B 46 -12.73 0.07 -27.69
C GLY B 46 -11.82 1.17 -28.21
N THR B 47 -12.34 2.16 -28.93
CA THR B 47 -11.52 3.26 -29.42
C THR B 47 -11.49 4.37 -28.37
N GLU B 48 -10.43 5.15 -28.40
N GLU B 48 -10.44 5.16 -28.39
CA GLU B 48 -10.27 6.23 -27.43
CA GLU B 48 -10.31 6.22 -27.42
C GLU B 48 -11.20 7.38 -27.78
C GLU B 48 -11.22 7.38 -27.79
N LYS B 49 -11.96 7.89 -26.79
CA LYS B 49 -12.75 9.09 -26.97
C LYS B 49 -11.96 10.33 -26.57
N TRP B 50 -11.31 10.30 -25.40
CA TRP B 50 -10.36 11.33 -25.00
C TRP B 50 -9.54 10.79 -23.83
N ARG B 51 -8.47 11.51 -23.51
CA ARG B 51 -7.60 11.14 -22.40
C ARG B 51 -7.17 12.42 -21.68
N PHE B 52 -7.69 12.62 -20.48
CA PHE B 52 -7.50 13.89 -19.81
C PHE B 52 -6.29 13.80 -18.88
N LYS B 53 -5.30 14.66 -19.07
CA LYS B 53 -4.05 14.52 -18.32
C LYS B 53 -4.12 15.18 -16.95
N THR B 54 -3.86 14.38 -15.91
CA THR B 54 -3.50 14.96 -14.61
C THR B 54 -2.03 14.68 -14.37
N GLY B 55 -1.43 15.30 -13.35
CA GLY B 55 0.04 15.19 -13.21
C GLY B 55 0.53 13.88 -12.67
N LYS B 56 -0.30 13.13 -11.95
CA LYS B 56 0.16 12.00 -11.15
C LYS B 56 -0.92 10.93 -11.20
N ALA B 57 -0.65 9.77 -10.63
CA ALA B 57 -1.56 8.64 -10.73
C ALA B 57 -2.96 8.97 -10.21
N ILE B 58 -3.97 8.39 -10.87
CA ILE B 58 -5.38 8.49 -10.43
C ILE B 58 -5.71 7.15 -9.77
N GLU B 59 -5.89 7.18 -8.42
N GLU B 59 -5.91 7.13 -8.45
CA GLU B 59 -6.00 5.97 -7.60
CA GLU B 59 -6.00 5.84 -7.76
C GLU B 59 -7.41 5.42 -7.55
C GLU B 59 -7.41 5.46 -7.35
N ALA B 60 -8.43 6.26 -7.66
CA ALA B 60 -9.80 5.86 -7.36
C ALA B 60 -10.72 6.06 -8.56
N SER B 61 -11.88 5.41 -8.50
CA SER B 61 -12.82 5.50 -9.62
C SER B 61 -13.43 6.90 -9.73
N PRO B 62 -13.72 7.38 -10.95
CA PRO B 62 -14.41 8.66 -11.10
C PRO B 62 -15.88 8.49 -10.76
N VAL B 63 -16.58 9.61 -10.47
N VAL B 63 -16.59 9.62 -10.75
CA VAL B 63 -18.05 9.62 -10.38
CA VAL B 63 -17.98 9.73 -10.32
C VAL B 63 -18.60 10.57 -11.42
C VAL B 63 -18.69 10.74 -11.22
N ILE B 64 -19.87 10.38 -11.75
CA ILE B 64 -20.53 11.19 -12.78
C ILE B 64 -21.69 11.94 -12.16
N GLY B 65 -21.77 13.24 -12.43
CA GLY B 65 -22.89 14.05 -11.96
C GLY B 65 -24.10 14.09 -12.90
N GLU B 66 -25.11 14.83 -12.44
CA GLU B 66 -26.39 14.87 -13.16
C GLU B 66 -26.22 15.33 -14.60
N ASP B 67 -25.41 16.36 -14.83
CA ASP B 67 -25.19 16.91 -16.16
C ASP B 67 -24.12 16.16 -16.94
N GLY B 68 -23.61 15.03 -16.42
CA GLY B 68 -22.61 14.23 -17.12
C GLY B 68 -21.19 14.58 -16.76
N THR B 69 -20.97 15.64 -16.00
CA THR B 69 -19.61 15.98 -15.52
C THR B 69 -18.98 14.78 -14.82
N ILE B 70 -17.70 14.54 -15.12
CA ILE B 70 -16.97 13.40 -14.53
C ILE B 70 -16.00 14.00 -13.53
N TYR B 71 -16.08 13.56 -12.27
CA TYR B 71 -15.23 14.07 -11.20
C TYR B 71 -14.28 12.98 -10.75
N VAL B 72 -13.02 13.38 -10.54
CA VAL B 72 -12.06 12.42 -9.98
C VAL B 72 -10.91 13.17 -9.38
N GLY B 73 -10.35 12.59 -8.31
CA GLY B 73 -9.17 13.12 -7.70
C GLY B 73 -7.89 12.51 -8.28
N SER B 74 -6.77 13.23 -8.12
CA SER B 74 -5.50 12.73 -8.58
C SER B 74 -4.50 12.77 -7.44
N ASN B 75 -3.41 12.03 -7.60
CA ASN B 75 -2.28 12.13 -6.69
C ASN B 75 -1.54 13.46 -6.84
N ASP B 76 -1.90 14.26 -7.85
CA ASP B 76 -1.38 15.63 -7.96
C ASP B 76 -2.09 16.57 -7.00
N GLY B 77 -3.05 16.06 -6.21
CA GLY B 77 -3.68 16.85 -5.17
C GLY B 77 -4.97 17.53 -5.60
N HIS B 78 -5.30 17.51 -6.89
CA HIS B 78 -6.46 18.25 -7.35
C HIS B 78 -7.66 17.33 -7.54
N LEU B 79 -8.86 17.88 -7.28
CA LEU B 79 -10.12 17.29 -7.71
C LEU B 79 -10.46 17.88 -9.08
N TYR B 80 -10.63 17.03 -10.08
CA TYR B 80 -10.96 17.49 -11.44
C TYR B 80 -12.43 17.31 -11.73
N ALA B 81 -13.02 18.30 -12.42
CA ALA B 81 -14.37 18.19 -12.98
C ALA B 81 -14.19 18.28 -14.49
N ILE B 82 -14.49 17.19 -15.20
N ILE B 82 -14.48 17.19 -15.19
CA ILE B 82 -14.26 17.07 -16.63
CA ILE B 82 -14.27 17.09 -16.63
C ILE B 82 -15.61 17.04 -17.35
C ILE B 82 -15.62 17.07 -17.32
N ASN B 83 -15.75 17.86 -18.36
CA ASN B 83 -16.94 17.82 -19.19
C ASN B 83 -16.99 16.53 -20.00
N PRO B 84 -18.18 16.13 -20.46
CA PRO B 84 -18.29 14.89 -21.25
C PRO B 84 -17.46 14.89 -22.52
N ASP B 85 -17.10 16.05 -23.07
CA ASP B 85 -16.25 16.11 -24.26
C ASP B 85 -14.76 16.14 -23.95
N GLY B 86 -14.35 15.96 -22.69
CA GLY B 86 -12.93 15.87 -22.42
C GLY B 86 -12.24 17.20 -22.21
N THR B 87 -12.98 18.29 -22.14
CA THR B 87 -12.46 19.58 -21.74
C THR B 87 -12.66 19.70 -20.24
N GLU B 88 -11.80 20.47 -19.61
CA GLU B 88 -11.91 20.64 -18.17
C GLU B 88 -12.94 21.70 -17.80
N LYS B 89 -13.88 21.36 -16.91
CA LYS B 89 -14.76 22.38 -16.33
C LYS B 89 -14.01 23.19 -15.27
N TRP B 90 -13.31 22.54 -14.36
CA TRP B 90 -12.44 23.23 -13.39
C TRP B 90 -11.63 22.17 -12.68
N ARG B 91 -10.65 22.61 -11.91
CA ARG B 91 -10.00 21.73 -10.94
C ARG B 91 -9.90 22.48 -9.63
N PHE B 92 -9.77 21.73 -8.54
CA PHE B 92 -9.68 22.34 -7.23
C PHE B 92 -8.48 21.76 -6.49
N LYS B 93 -7.61 22.64 -5.99
CA LYS B 93 -6.35 22.22 -5.36
C LYS B 93 -6.52 21.84 -3.88
N THR B 94 -6.02 20.66 -3.51
CA THR B 94 -5.80 20.28 -2.13
C THR B 94 -4.29 20.07 -2.02
N GLY B 95 -3.78 19.88 -0.81
CA GLY B 95 -2.32 19.93 -0.74
C GLY B 95 -1.58 18.64 -1.12
N LYS B 96 -2.30 17.53 -1.13
CA LYS B 96 -1.72 16.22 -1.13
C LYS B 96 -2.65 15.31 -1.92
N ALA B 97 -2.20 14.09 -2.14
CA ALA B 97 -2.97 13.15 -2.97
C ALA B 97 -4.39 12.92 -2.47
N ILE B 98 -5.31 12.74 -3.42
CA ILE B 98 -6.70 12.39 -3.14
C ILE B 98 -6.82 10.92 -3.49
N GLU B 99 -6.98 10.07 -2.45
N GLU B 99 -6.98 10.06 -2.48
CA GLU B 99 -6.88 8.62 -2.62
CA GLU B 99 -6.87 8.64 -2.74
C GLU B 99 -8.21 7.95 -2.96
C GLU B 99 -8.19 7.87 -2.76
N ALA B 100 -9.34 8.54 -2.62
CA ALA B 100 -10.64 7.89 -2.73
C ALA B 100 -11.59 8.69 -3.60
N SER B 101 -12.66 8.04 -4.04
CA SER B 101 -13.59 8.68 -4.97
C SER B 101 -14.36 9.80 -4.29
N PRO B 102 -14.65 10.88 -5.01
CA PRO B 102 -15.55 11.91 -4.47
C PRO B 102 -16.97 11.35 -4.35
N VAL B 103 -17.82 12.07 -3.57
CA VAL B 103 -19.23 11.74 -3.44
C VAL B 103 -20.04 13.01 -3.60
N ILE B 104 -21.11 12.94 -4.39
CA ILE B 104 -21.94 14.10 -4.68
C ILE B 104 -23.15 14.14 -3.74
N GLY B 105 -23.33 15.30 -3.08
CA GLY B 105 -24.48 15.55 -2.22
C GLY B 105 -25.76 15.79 -3.01
N GLU B 106 -26.87 15.83 -2.25
CA GLU B 106 -28.19 15.99 -2.90
C GLU B 106 -28.28 17.33 -3.64
N ASP B 107 -27.57 18.35 -3.17
CA ASP B 107 -27.63 19.64 -3.84
C ASP B 107 -26.50 19.84 -4.84
N GLY B 108 -25.76 18.77 -5.18
CA GLY B 108 -24.68 18.88 -6.15
C GLY B 108 -23.29 19.17 -5.58
N THR B 109 -23.18 19.49 -4.28
CA THR B 109 -21.87 19.65 -3.64
C THR B 109 -21.04 18.39 -3.82
N ILE B 110 -19.77 18.57 -4.15
CA ILE B 110 -18.86 17.44 -4.32
C ILE B 110 -17.96 17.36 -3.09
N TYR B 111 -18.03 16.23 -2.39
CA TYR B 111 -17.18 16.04 -1.20
C TYR B 111 -16.03 15.13 -1.53
N VAL B 112 -14.85 15.49 -1.04
CA VAL B 112 -13.68 14.64 -1.28
C VAL B 112 -12.73 14.80 -0.11
N GLY B 113 -12.17 13.69 0.34
CA GLY B 113 -11.09 13.78 1.30
C GLY B 113 -9.72 13.87 0.65
N SER B 114 -8.75 14.40 1.38
CA SER B 114 -7.39 14.54 0.88
C SER B 114 -6.38 13.99 1.90
N ASN B 115 -5.21 13.61 1.39
CA ASN B 115 -4.08 13.29 2.27
C ASN B 115 -3.57 14.49 3.03
N ASP B 116 -4.04 15.70 2.72
CA ASP B 116 -3.73 16.87 3.54
C ASP B 116 -4.56 16.90 4.82
N GLY B 117 -5.44 15.91 4.99
CA GLY B 117 -6.18 15.72 6.22
C GLY B 117 -7.50 16.40 6.24
N HIS B 118 -7.84 17.16 5.21
CA HIS B 118 -9.16 17.82 5.17
C HIS B 118 -10.20 17.07 4.36
N LEU B 119 -11.45 17.20 4.79
CA LEU B 119 -12.58 16.88 3.96
C LEU B 119 -13.04 18.18 3.30
N TYR B 120 -13.10 18.20 1.97
CA TYR B 120 -13.50 19.38 1.21
C TYR B 120 -14.91 19.23 0.69
N ALA B 121 -15.68 20.33 0.74
CA ALA B 121 -16.99 20.42 0.12
C ALA B 121 -16.84 21.47 -0.97
N ILE B 122 -16.96 21.05 -2.21
N ILE B 122 -16.98 21.05 -2.22
CA ILE B 122 -16.73 21.92 -3.38
CA ILE B 122 -16.79 21.91 -3.39
C ILE B 122 -18.06 22.18 -4.09
C ILE B 122 -18.16 22.21 -3.97
N ASN B 123 -18.37 23.46 -4.36
CA ASN B 123 -19.59 23.79 -5.07
C ASN B 123 -19.52 23.31 -6.52
N PRO B 124 -20.67 23.09 -7.16
CA PRO B 124 -20.63 22.66 -8.57
C PRO B 124 -19.86 23.58 -9.48
N ASP B 125 -19.72 24.87 -9.13
CA ASP B 125 -18.91 25.79 -9.93
C ASP B 125 -17.41 25.77 -9.62
N GLY B 126 -16.94 24.91 -8.71
CA GLY B 126 -15.54 24.79 -8.45
C GLY B 126 -15.01 25.61 -7.31
N THR B 127 -15.83 26.45 -6.69
CA THR B 127 -15.37 27.18 -5.53
C THR B 127 -15.55 26.33 -4.26
N GLU B 128 -14.75 26.62 -3.26
CA GLU B 128 -14.84 25.87 -2.02
C GLU B 128 -16.06 26.33 -1.23
N LYS B 129 -16.93 25.38 -0.87
CA LYS B 129 -17.99 25.66 0.09
C LYS B 129 -17.42 25.71 1.51
N TRP B 130 -16.61 24.73 1.88
CA TRP B 130 -15.91 24.74 3.16
C TRP B 130 -14.92 23.60 3.13
N ARG B 131 -14.05 23.56 4.13
CA ARG B 131 -13.23 22.40 4.36
C ARG B 131 -13.21 22.12 5.85
N PHE B 132 -12.96 20.86 6.21
CA PHE B 132 -13.06 20.41 7.58
C PHE B 132 -11.77 19.68 7.91
N LYS B 133 -11.06 20.13 8.95
CA LYS B 133 -9.72 19.63 9.25
C LYS B 133 -9.77 18.37 10.14
N THR B 134 -9.07 17.31 9.73
CA THR B 134 -8.71 16.20 10.60
C THR B 134 -7.18 16.19 10.66
N GLY B 135 -6.60 15.37 11.54
CA GLY B 135 -5.16 15.51 11.73
C GLY B 135 -4.28 14.79 10.73
N LYS B 136 -4.85 13.87 9.97
CA LYS B 136 -4.08 12.92 9.18
C LYS B 136 -4.87 12.62 7.93
N ALA B 137 -4.24 11.90 7.00
CA ALA B 137 -4.88 11.63 5.70
C ALA B 137 -6.24 10.96 5.87
N ILE B 138 -7.13 11.29 4.94
CA ILE B 138 -8.47 10.67 4.88
C ILE B 138 -8.40 9.73 3.68
N GLU B 139 -8.41 8.42 3.96
N GLU B 139 -8.41 8.42 3.90
CA GLU B 139 -8.14 7.38 2.97
CA GLU B 139 -8.13 7.51 2.80
C GLU B 139 -9.35 6.94 2.16
C GLU B 139 -9.34 6.79 2.22
N ALA B 140 -10.55 7.07 2.72
CA ALA B 140 -11.75 6.47 2.14
C ALA B 140 -12.81 7.53 1.85
N SER B 141 -13.75 7.19 1.00
CA SER B 141 -14.77 8.14 0.57
C SER B 141 -15.69 8.45 1.75
N PRO B 142 -16.17 9.68 1.88
CA PRO B 142 -17.21 9.96 2.86
C PRO B 142 -18.53 9.31 2.47
N VAL B 143 -19.42 9.26 3.45
N VAL B 143 -19.40 9.12 3.45
CA VAL B 143 -20.75 8.69 3.27
CA VAL B 143 -20.79 8.74 3.17
C VAL B 143 -21.76 9.70 3.81
C VAL B 143 -21.72 9.85 3.65
N ILE B 144 -22.87 9.91 3.08
N ILE B 144 -22.90 9.87 3.04
CA ILE B 144 -23.83 10.95 3.44
CA ILE B 144 -23.93 10.87 3.34
C ILE B 144 -25.12 10.30 3.94
C ILE B 144 -25.09 10.16 4.01
N GLY B 145 -25.58 10.73 5.12
CA GLY B 145 -26.82 10.24 5.70
C GLY B 145 -28.03 10.91 5.08
N GLU B 146 -29.19 10.36 5.42
CA GLU B 146 -30.44 10.84 4.81
C GLU B 146 -30.85 12.22 5.32
N ASP B 147 -30.21 12.74 6.37
CA ASP B 147 -30.38 14.13 6.78
C ASP B 147 -29.27 15.01 6.26
N GLY B 148 -28.39 14.49 5.40
CA GLY B 148 -27.29 15.27 4.88
C GLY B 148 -26.00 15.25 5.69
N THR B 149 -25.99 14.65 6.90
CA THR B 149 -24.74 14.53 7.64
C THR B 149 -23.70 13.76 6.83
N ILE B 150 -22.47 14.25 6.86
CA ILE B 150 -21.37 13.63 6.12
C ILE B 150 -20.48 12.91 7.13
N TYR B 151 -20.31 11.61 6.95
CA TYR B 151 -19.49 10.81 7.86
C TYR B 151 -18.18 10.43 7.17
N VAL B 152 -17.05 10.56 7.86
CA VAL B 152 -15.79 10.14 7.24
C VAL B 152 -14.80 9.79 8.34
N GLY B 153 -14.01 8.75 8.08
CA GLY B 153 -12.93 8.38 8.96
C GLY B 153 -11.63 9.00 8.54
N SER B 154 -10.70 9.08 9.49
CA SER B 154 -9.40 9.68 9.26
C SER B 154 -8.31 8.75 9.78
N ASN B 155 -7.12 8.92 9.21
CA ASN B 155 -5.94 8.25 9.80
C ASN B 155 -5.60 8.78 11.18
N ASP B 156 -6.24 9.84 11.65
CA ASP B 156 -6.10 10.25 13.04
C ASP B 156 -6.88 9.33 13.98
N GLY B 157 -7.61 8.35 13.45
CA GLY B 157 -8.28 7.39 14.30
C GLY B 157 -9.71 7.73 14.58
N HIS B 158 -10.16 8.90 14.18
CA HIS B 158 -11.54 9.28 14.51
C HIS B 158 -12.50 9.10 13.34
N LEU B 159 -13.76 8.80 13.69
CA LEU B 159 -14.87 8.92 12.75
C LEU B 159 -15.52 10.27 13.01
N TYR B 160 -15.65 11.09 11.96
CA TYR B 160 -16.26 12.42 12.08
C TYR B 160 -17.64 12.43 11.46
N ALA B 161 -18.57 13.11 12.13
CA ALA B 161 -19.89 13.44 11.58
C ALA B 161 -19.91 14.93 11.38
N ILE B 162 -20.07 15.37 10.13
N ILE B 162 -20.14 15.35 10.14
CA ILE B 162 -19.98 16.79 9.77
CA ILE B 162 -20.03 16.74 9.72
C ILE B 162 -21.34 17.24 9.25
C ILE B 162 -21.41 17.21 9.27
N ASN B 163 -21.81 18.40 9.74
CA ASN B 163 -23.09 18.93 9.30
C ASN B 163 -22.93 19.49 7.90
N PRO B 164 -24.02 19.60 7.14
CA PRO B 164 -23.93 20.17 5.80
C PRO B 164 -23.25 21.53 5.74
N ASP B 165 -23.28 22.32 6.83
CA ASP B 165 -22.63 23.63 6.83
C ASP B 165 -21.15 23.57 7.20
N GLY B 166 -20.59 22.37 7.36
CA GLY B 166 -19.17 22.25 7.64
C GLY B 166 -18.77 22.26 9.10
N THR B 167 -19.71 22.39 10.02
CA THR B 167 -19.40 22.34 11.43
C THR B 167 -19.43 20.88 11.89
N GLU B 168 -18.67 20.58 12.94
CA GLU B 168 -18.59 19.23 13.45
C GLU B 168 -19.86 18.91 14.24
N LYS B 169 -20.53 17.84 13.86
CA LYS B 169 -21.66 17.35 14.67
C LYS B 169 -21.12 16.56 15.86
N TRP B 170 -20.20 15.62 15.60
CA TRP B 170 -19.50 14.93 16.68
C TRP B 170 -18.29 14.23 16.06
N ARG B 171 -17.44 13.71 16.93
N ARG B 171 -17.44 13.72 16.94
CA ARG B 171 -16.36 12.83 16.49
CA ARG B 171 -16.38 12.82 16.54
C ARG B 171 -16.23 11.69 17.47
C ARG B 171 -16.39 11.62 17.47
N PHE B 172 -15.85 10.52 16.97
CA PHE B 172 -15.73 9.30 17.77
C PHE B 172 -14.31 8.76 17.63
N LYS B 173 -13.62 8.52 18.74
CA LYS B 173 -12.22 8.11 18.70
C LYS B 173 -12.09 6.59 18.67
N THR B 174 -11.28 6.08 17.72
CA THR B 174 -10.74 4.71 17.76
C THR B 174 -9.23 4.84 17.90
N GLY B 175 -8.52 3.71 18.10
CA GLY B 175 -7.09 3.84 18.47
C GLY B 175 -6.15 4.04 17.30
N LYS B 176 -6.58 3.72 16.08
CA LYS B 176 -5.71 3.59 14.93
C LYS B 176 -6.49 4.09 13.71
N ALA B 177 -5.78 4.19 12.58
CA ALA B 177 -6.41 4.70 11.35
C ALA B 177 -7.68 3.95 10.98
N ILE B 178 -8.63 4.70 10.44
CA ILE B 178 -9.86 4.14 9.86
C ILE B 178 -9.67 4.15 8.33
N GLU B 179 -9.54 2.96 7.74
N GLU B 179 -9.54 3.00 7.70
CA GLU B 179 -9.12 2.83 6.33
CA GLU B 179 -9.12 3.00 6.29
C GLU B 179 -10.27 2.87 5.34
C GLU B 179 -10.24 2.69 5.29
N ALA B 180 -11.48 2.46 5.75
CA ALA B 180 -12.57 2.25 4.83
C ALA B 180 -13.78 3.07 5.23
N SER B 181 -14.70 3.21 4.28
CA SER B 181 -15.88 4.04 4.47
C SER B 181 -16.82 3.43 5.51
N PRO B 182 -17.50 4.25 6.30
CA PRO B 182 -18.51 3.71 7.21
C PRO B 182 -19.76 3.33 6.43
N VAL B 183 -20.66 2.61 7.11
CA VAL B 183 -21.92 2.20 6.52
CA VAL B 183 -21.92 2.14 6.54
C VAL B 183 -23.02 2.45 7.53
N ILE B 184 -24.14 2.94 7.04
CA ILE B 184 -25.28 3.27 7.88
C ILE B 184 -26.32 2.15 7.83
N GLY B 185 -26.79 1.70 9.01
CA GLY B 185 -27.81 0.69 9.07
C GLY B 185 -29.25 1.23 9.10
N GLU B 186 -30.18 0.28 9.20
CA GLU B 186 -31.58 0.60 9.02
C GLU B 186 -32.12 1.50 10.13
N ASP B 187 -31.53 1.46 11.32
CA ASP B 187 -31.91 2.32 12.43
C ASP B 187 -31.00 3.53 12.61
N GLY B 188 -30.17 3.83 11.61
CA GLY B 188 -29.24 4.93 11.69
C GLY B 188 -27.91 4.66 12.36
N THR B 189 -27.72 3.45 12.88
CA THR B 189 -26.41 3.09 13.45
C THR B 189 -25.33 3.22 12.38
N ILE B 190 -24.19 3.78 12.76
CA ILE B 190 -23.04 3.93 11.83
C ILE B 190 -22.00 2.88 12.20
N TYR B 191 -21.67 1.99 11.26
CA TYR B 191 -20.66 0.95 11.50
C TYR B 191 -19.37 1.31 10.79
N VAL B 192 -18.25 1.11 11.49
CA VAL B 192 -16.95 1.38 10.86
C VAL B 192 -15.91 0.48 11.50
N GLY B 193 -15.00 -0.08 10.67
CA GLY B 193 -13.85 -0.78 11.23
C GLY B 193 -12.67 0.14 11.44
N SER B 194 -11.72 -0.31 12.27
CA SER B 194 -10.53 0.45 12.57
C SER B 194 -9.31 -0.46 12.46
N ASN B 195 -8.12 0.15 12.24
CA ASN B 195 -6.86 -0.59 12.32
C ASN B 195 -6.56 -1.03 13.73
N ASP B 196 -7.35 -0.59 14.72
CA ASP B 196 -7.21 -1.12 16.08
C ASP B 196 -7.86 -2.50 16.21
N GLY B 197 -8.43 -3.02 15.13
CA GLY B 197 -8.97 -4.36 15.10
C GLY B 197 -10.44 -4.47 15.42
N HIS B 198 -11.07 -3.38 15.86
CA HIS B 198 -12.47 -3.46 16.23
C HIS B 198 -13.40 -2.96 15.12
N LEU B 199 -14.58 -3.56 15.08
CA LEU B 199 -15.72 -2.97 14.40
C LEU B 199 -16.56 -2.19 15.40
N TYR B 200 -16.81 -0.94 15.11
CA TYR B 200 -17.57 -0.07 16.00
C TYR B 200 -18.96 0.14 15.44
N ALA B 201 -19.96 0.08 16.31
CA ALA B 201 -21.34 0.51 16.03
C ALA B 201 -21.58 1.78 16.82
N ILE B 202 -21.83 2.89 16.12
N ILE B 202 -21.89 2.87 16.12
CA ILE B 202 -22.00 4.21 16.72
CA ILE B 202 -21.99 4.21 16.70
C ILE B 202 -23.45 4.62 16.55
C ILE B 202 -23.42 4.70 16.52
N ASN B 203 -24.01 5.18 17.61
CA ASN B 203 -25.37 5.67 17.52
C ASN B 203 -25.39 6.99 16.76
N PRO B 204 -26.55 7.38 16.25
CA PRO B 204 -26.64 8.64 15.50
C PRO B 204 -26.15 9.85 16.24
N ASP B 205 -26.20 9.86 17.58
CA ASP B 205 -25.72 10.95 18.41
C ASP B 205 -24.22 10.85 18.74
N GLY B 206 -23.51 9.87 18.19
CA GLY B 206 -22.08 9.82 18.36
C GLY B 206 -21.62 9.00 19.55
N THR B 207 -22.53 8.45 20.34
CA THR B 207 -22.14 7.56 21.42
C THR B 207 -21.94 6.13 20.91
N GLU B 208 -21.06 5.39 21.57
CA GLU B 208 -20.80 4.00 21.17
C GLU B 208 -21.99 3.11 21.52
N LYS B 209 -22.52 2.41 20.54
CA LYS B 209 -23.50 1.35 20.81
C LYS B 209 -22.79 0.09 21.31
N TRP B 210 -21.77 -0.34 20.57
CA TRP B 210 -20.94 -1.46 20.98
C TRP B 210 -19.69 -1.46 20.11
N ARG B 211 -18.72 -2.28 20.49
CA ARG B 211 -17.57 -2.57 19.63
C ARG B 211 -17.32 -4.07 19.64
N PHE B 212 -16.73 -4.55 18.56
CA PHE B 212 -16.51 -5.99 18.38
C PHE B 212 -15.05 -6.21 18.05
N LYS B 213 -14.35 -7.01 18.85
CA LYS B 213 -12.91 -7.17 18.69
C LYS B 213 -12.54 -8.26 17.69
N THR B 214 -11.71 -7.92 16.71
CA THR B 214 -10.98 -8.90 15.91
C THR B 214 -9.48 -8.72 16.23
N GLY B 215 -8.64 -9.62 15.72
CA GLY B 215 -7.25 -9.58 16.19
C GLY B 215 -6.36 -8.59 15.47
N LYS B 216 -6.77 -8.15 14.28
CA LYS B 216 -5.92 -7.39 13.38
C LYS B 216 -6.78 -6.33 12.69
N ALA B 217 -6.12 -5.47 11.93
CA ALA B 217 -6.81 -4.36 11.26
C ALA B 217 -7.95 -4.85 10.39
N ILE B 218 -9.00 -4.04 10.37
CA ILE B 218 -10.15 -4.25 9.47
C ILE B 218 -10.02 -3.26 8.32
N GLU B 219 -9.71 -3.79 7.13
N GLU B 219 -9.72 -3.73 7.11
CA GLU B 219 -9.30 -2.96 6.00
CA GLU B 219 -9.33 -2.82 6.03
C GLU B 219 -10.47 -2.44 5.17
C GLU B 219 -10.43 -2.56 5.01
N ALA B 220 -11.62 -3.13 5.17
CA ALA B 220 -12.70 -2.89 4.22
C ALA B 220 -13.99 -2.59 4.98
N SER B 221 -14.96 -2.05 4.25
CA SER B 221 -16.21 -1.65 4.87
C SER B 221 -17.00 -2.91 5.22
N PRO B 222 -17.75 -2.86 6.31
CA PRO B 222 -18.67 -3.97 6.62
C PRO B 222 -19.86 -3.95 5.66
N VAL B 223 -20.59 -5.08 5.61
CA VAL B 223 -21.78 -5.22 4.75
C VAL B 223 -22.91 -5.78 5.59
N ILE B 224 -24.12 -5.26 5.43
CA ILE B 224 -25.25 -5.68 6.28
C ILE B 224 -26.20 -6.56 5.46
N GLY B 225 -26.53 -7.72 6.01
CA GLY B 225 -27.50 -8.59 5.37
C GLY B 225 -28.95 -8.20 5.64
N GLU B 226 -29.85 -8.90 4.93
CA GLU B 226 -31.29 -8.64 5.04
C GLU B 226 -31.79 -8.64 6.47
N ASP B 227 -31.28 -9.54 7.30
CA ASP B 227 -31.76 -9.67 8.67
C ASP B 227 -30.99 -8.81 9.66
N GLY B 228 -30.11 -7.93 9.17
CA GLY B 228 -29.35 -7.09 10.07
C GLY B 228 -27.97 -7.61 10.46
N THR B 229 -27.63 -8.85 10.09
CA THR B 229 -26.31 -9.36 10.44
C THR B 229 -25.27 -8.50 9.74
N ILE B 230 -24.23 -8.14 10.49
CA ILE B 230 -23.15 -7.32 9.95
C ILE B 230 -21.97 -8.24 9.66
N TYR B 231 -21.52 -8.25 8.43
CA TYR B 231 -20.38 -9.08 8.03
C TYR B 231 -19.15 -8.21 7.83
N VAL B 232 -18.00 -8.64 8.35
CA VAL B 232 -16.76 -7.89 8.18
C VAL B 232 -15.59 -8.86 8.15
N GLY B 233 -14.65 -8.66 7.17
CA GLY B 233 -13.38 -9.38 7.17
C GLY B 233 -12.32 -8.69 8.00
N SER B 234 -11.33 -9.48 8.46
CA SER B 234 -10.23 -8.96 9.28
C SER B 234 -8.92 -9.43 8.68
N ASN B 235 -7.87 -8.67 8.99
CA ASN B 235 -6.52 -9.11 8.66
C ASN B 235 -6.12 -10.31 9.52
N ASP B 236 -6.94 -10.68 10.51
CA ASP B 236 -6.70 -11.94 11.23
C ASP B 236 -7.16 -13.15 10.43
N GLY B 237 -7.68 -12.95 9.21
CA GLY B 237 -8.02 -14.01 8.29
C GLY B 237 -9.45 -14.50 8.38
N HIS B 238 -10.23 -14.04 9.36
CA HIS B 238 -11.63 -14.47 9.52
C HIS B 238 -12.60 -13.50 8.88
N LEU B 239 -13.69 -14.07 8.39
CA LEU B 239 -14.91 -13.31 8.12
C LEU B 239 -15.82 -13.47 9.33
N TYR B 240 -16.22 -12.36 9.93
CA TYR B 240 -17.08 -12.37 11.10
C TYR B 240 -18.51 -12.01 10.70
N ALA B 241 -19.49 -12.68 11.30
CA ALA B 241 -20.91 -12.34 11.20
C ALA B 241 -21.32 -11.90 12.61
N ILE B 242 -21.72 -10.66 12.74
CA ILE B 242 -22.02 -10.02 14.02
C ILE B 242 -23.50 -9.69 14.07
N ASN B 243 -24.13 -10.06 15.18
CA ASN B 243 -25.55 -9.75 15.34
C ASN B 243 -25.73 -8.25 15.61
N PRO B 244 -26.92 -7.70 15.35
CA PRO B 244 -27.11 -6.27 15.61
C PRO B 244 -26.84 -5.83 17.03
N ASP B 245 -26.89 -6.74 18.03
CA ASP B 245 -26.52 -6.42 19.41
C ASP B 245 -25.01 -6.55 19.70
N GLY B 246 -24.19 -6.82 18.68
CA GLY B 246 -22.76 -6.84 18.90
C GLY B 246 -22.18 -8.18 19.29
N THR B 247 -23.01 -9.23 19.44
CA THR B 247 -22.47 -10.54 19.76
C THR B 247 -22.13 -11.26 18.46
N GLU B 248 -21.14 -12.13 18.52
CA GLU B 248 -20.74 -12.91 17.35
C GLU B 248 -21.80 -13.95 16.98
N LYS B 249 -22.25 -13.92 15.73
CA LYS B 249 -23.09 -15.00 15.22
C LYS B 249 -22.24 -16.20 14.80
N TRP B 250 -21.19 -15.95 14.02
CA TRP B 250 -20.24 -16.99 13.68
C TRP B 250 -19.00 -16.32 13.13
N ARG B 251 -17.96 -17.13 12.94
CA ARG B 251 -16.73 -16.68 12.31
C ARG B 251 -16.30 -17.76 11.35
N PHE B 252 -15.62 -17.35 10.28
CA PHE B 252 -15.21 -18.29 9.23
C PHE B 252 -13.74 -18.05 8.95
N LYS B 253 -12.91 -19.08 9.08
CA LYS B 253 -11.46 -18.91 8.96
C LYS B 253 -10.97 -19.07 7.53
N THR B 254 -10.15 -18.12 7.06
CA THR B 254 -9.34 -18.28 5.85
C THR B 254 -7.90 -18.15 6.32
N GLY B 255 -6.95 -18.47 5.43
CA GLY B 255 -5.57 -18.56 5.91
C GLY B 255 -4.85 -17.23 6.09
N LYS B 256 -5.34 -16.16 5.48
CA LYS B 256 -4.62 -14.91 5.32
C LYS B 256 -5.59 -13.75 5.37
N ALA B 257 -5.07 -12.52 5.35
CA ALA B 257 -5.94 -11.35 5.53
C ALA B 257 -7.02 -11.29 4.45
N ILE B 258 -8.18 -10.81 4.87
CA ILE B 258 -9.29 -10.57 3.93
C ILE B 258 -9.31 -9.06 3.71
N GLU B 259 -8.94 -8.65 2.49
N GLU B 259 -8.94 -8.60 2.51
CA GLU B 259 -8.71 -7.24 2.19
CA GLU B 259 -8.75 -7.15 2.32
C GLU B 259 -9.96 -6.46 1.80
C GLU B 259 -9.89 -6.45 1.58
N ALA B 260 -10.97 -7.14 1.24
CA ALA B 260 -12.08 -6.47 0.56
C ALA B 260 -13.41 -6.88 1.19
N SER B 261 -14.43 -6.06 0.95
CA SER B 261 -15.74 -6.33 1.52
C SER B 261 -16.35 -7.61 0.94
N PRO B 262 -17.03 -8.41 1.74
CA PRO B 262 -17.82 -9.52 1.18
C PRO B 262 -19.01 -9.01 0.38
N VAL B 263 -19.64 -9.95 -0.32
N VAL B 263 -19.55 -9.88 -0.47
CA VAL B 263 -20.78 -9.66 -1.17
CA VAL B 263 -20.82 -9.61 -1.13
C VAL B 263 -21.81 -10.77 -0.99
C VAL B 263 -21.81 -10.70 -0.75
N ILE B 264 -23.09 -10.39 -0.89
CA ILE B 264 -24.18 -11.33 -0.55
C ILE B 264 -25.02 -11.65 -1.78
N GLY B 265 -25.15 -12.93 -2.09
CA GLY B 265 -26.00 -13.36 -3.19
C GLY B 265 -27.48 -13.32 -2.84
N GLU B 266 -28.31 -13.47 -3.87
CA GLU B 266 -29.77 -13.43 -3.67
C GLU B 266 -30.24 -14.46 -2.65
N ASP B 267 -29.62 -15.63 -2.62
CA ASP B 267 -30.03 -16.68 -1.71
C ASP B 267 -29.35 -16.58 -0.35
N GLY B 268 -28.59 -15.50 -0.08
CA GLY B 268 -27.95 -15.30 1.20
C GLY B 268 -26.51 -15.80 1.31
N THR B 269 -26.01 -16.54 0.32
CA THR B 269 -24.61 -16.92 0.32
C THR B 269 -23.71 -15.69 0.41
N ILE B 270 -22.68 -15.79 1.24
CA ILE B 270 -21.74 -14.70 1.40
C ILE B 270 -20.46 -15.09 0.65
N TYR B 271 -20.03 -14.25 -0.29
CA TYR B 271 -18.79 -14.50 -1.03
C TYR B 271 -17.70 -13.55 -0.55
N VAL B 272 -16.49 -14.07 -0.37
CA VAL B 272 -15.37 -13.22 0.06
C VAL B 272 -14.10 -13.83 -0.49
N GLY B 273 -13.19 -12.94 -0.99
CA GLY B 273 -11.86 -13.41 -1.34
C GLY B 273 -10.91 -13.23 -0.17
N SER B 274 -9.81 -13.97 -0.23
CA SER B 274 -8.78 -13.92 0.80
C SER B 274 -7.41 -13.80 0.16
N ASN B 275 -6.47 -13.28 0.94
CA ASN B 275 -5.05 -13.29 0.54
C ASN B 275 -4.47 -14.70 0.47
N ASP B 276 -5.18 -15.71 0.97
CA ASP B 276 -4.81 -17.11 0.70
C ASP B 276 -5.12 -17.54 -0.74
N GLY B 277 -5.68 -16.65 -1.56
CA GLY B 277 -5.90 -16.94 -2.95
C GLY B 277 -7.24 -17.55 -3.30
N HIS B 278 -8.06 -17.89 -2.31
CA HIS B 278 -9.34 -18.54 -2.58
C HIS B 278 -10.47 -17.52 -2.54
N LEU B 279 -11.48 -17.77 -3.37
CA LEU B 279 -12.80 -17.17 -3.21
C LEU B 279 -13.64 -18.18 -2.43
N TYR B 280 -14.20 -17.76 -1.32
CA TYR B 280 -15.03 -18.60 -0.48
C TYR B 280 -16.50 -18.23 -0.64
N ALA B 281 -17.35 -19.26 -0.72
CA ALA B 281 -18.80 -19.12 -0.68
C ALA B 281 -19.22 -19.71 0.67
N ILE B 282 -19.83 -18.87 1.52
N ILE B 282 -19.79 -18.86 1.52
CA ILE B 282 -20.18 -19.19 2.90
CA ILE B 282 -20.19 -19.21 2.88
C ILE B 282 -21.70 -19.17 3.05
C ILE B 282 -21.71 -19.24 2.92
N ASN B 283 -22.25 -20.24 3.59
CA ASN B 283 -23.68 -20.28 3.83
C ASN B 283 -24.07 -19.32 4.95
N PRO B 284 -25.34 -18.91 5.00
CA PRO B 284 -25.76 -18.00 6.07
C PRO B 284 -25.50 -18.49 7.49
N ASP B 285 -25.35 -19.80 7.70
CA ASP B 285 -25.03 -20.31 9.02
C ASP B 285 -23.53 -20.43 9.28
N GLY B 286 -22.71 -20.00 8.34
CA GLY B 286 -21.28 -19.90 8.56
C GLY B 286 -20.48 -21.10 8.12
N THR B 287 -21.11 -22.10 7.50
CA THR B 287 -20.39 -23.25 6.99
C THR B 287 -19.98 -22.98 5.55
N GLU B 288 -18.91 -23.62 5.12
CA GLU B 288 -18.39 -23.43 3.78
C GLU B 288 -19.28 -24.14 2.77
N LYS B 289 -19.82 -23.40 1.81
CA LYS B 289 -20.49 -24.00 0.67
C LYS B 289 -19.46 -24.54 -0.33
N TRP B 290 -18.44 -23.73 -0.66
CA TRP B 290 -17.34 -24.20 -1.49
C TRP B 290 -16.26 -23.14 -1.44
N ARG B 291 -15.09 -23.50 -1.95
CA ARG B 291 -14.03 -22.52 -2.17
C ARG B 291 -13.47 -22.74 -3.55
N PHE B 292 -12.89 -21.67 -4.12
CA PHE B 292 -12.36 -21.72 -5.48
C PHE B 292 -10.94 -21.16 -5.43
N LYS B 293 -9.97 -21.94 -5.93
CA LYS B 293 -8.56 -21.58 -5.76
C LYS B 293 -8.10 -20.71 -6.92
N THR B 294 -7.50 -19.57 -6.59
CA THR B 294 -6.66 -18.84 -7.54
C THR B 294 -5.24 -18.86 -6.98
N GLY B 295 -4.26 -18.47 -7.81
CA GLY B 295 -2.86 -18.62 -7.43
C GLY B 295 -2.34 -17.63 -6.42
N LYS B 296 -2.97 -16.46 -6.28
CA LYS B 296 -2.40 -15.34 -5.53
C LYS B 296 -3.56 -14.59 -4.88
N ALA B 297 -3.24 -13.64 -4.03
CA ALA B 297 -4.23 -12.90 -3.24
C ALA B 297 -5.34 -12.31 -4.11
N ILE B 298 -6.53 -12.33 -3.57
CA ILE B 298 -7.68 -11.67 -4.19
C ILE B 298 -7.91 -10.37 -3.44
N GLU B 299 -7.68 -9.24 -4.13
N GLU B 299 -7.71 -9.23 -4.11
CA GLU B 299 -7.61 -7.93 -3.48
CA GLU B 299 -7.62 -7.95 -3.40
C GLU B 299 -8.94 -7.19 -3.38
C GLU B 299 -8.85 -7.06 -3.53
N ALA B 300 -9.87 -7.49 -4.29
CA ALA B 300 -11.08 -6.71 -4.46
C ALA B 300 -12.31 -7.61 -4.30
N SER B 301 -13.46 -6.97 -4.09
CA SER B 301 -14.67 -7.73 -3.86
C SER B 301 -15.09 -8.46 -5.13
N PRO B 302 -15.66 -9.65 -5.00
CA PRO B 302 -16.31 -10.26 -6.15
C PRO B 302 -17.54 -9.47 -6.60
N VAL B 303 -18.00 -9.73 -7.82
CA VAL B 303 -19.19 -9.09 -8.40
C VAL B 303 -20.10 -10.19 -8.90
N ILE B 304 -21.40 -10.10 -8.61
CA ILE B 304 -22.35 -11.11 -9.02
C ILE B 304 -23.16 -10.55 -10.19
N GLY B 305 -23.11 -11.25 -11.34
CA GLY B 305 -23.97 -10.85 -12.45
C GLY B 305 -25.44 -11.18 -12.20
N GLU B 306 -26.29 -10.58 -13.04
CA GLU B 306 -27.73 -10.78 -12.90
C GLU B 306 -28.14 -12.25 -13.00
N ASP B 307 -27.42 -13.05 -13.79
CA ASP B 307 -27.70 -14.48 -13.87
C ASP B 307 -27.05 -15.32 -12.76
N GLY B 308 -26.35 -14.70 -11.80
CA GLY B 308 -25.79 -15.45 -10.72
C GLY B 308 -24.32 -15.80 -10.88
N THR B 309 -23.73 -15.61 -12.06
CA THR B 309 -22.29 -15.84 -12.22
C THR B 309 -21.49 -14.93 -11.29
N ILE B 310 -20.49 -15.50 -10.65
CA ILE B 310 -19.65 -14.72 -9.74
C ILE B 310 -18.32 -14.43 -10.43
N TYR B 311 -17.95 -13.15 -10.48
CA TYR B 311 -16.70 -12.73 -11.10
C TYR B 311 -15.74 -12.21 -10.06
N VAL B 312 -14.47 -12.59 -10.19
CA VAL B 312 -13.47 -12.12 -9.24
C VAL B 312 -12.12 -12.04 -9.95
N GLY B 313 -11.38 -10.97 -9.65
CA GLY B 313 -10.01 -10.83 -10.12
C GLY B 313 -9.02 -11.35 -9.11
N SER B 314 -7.82 -11.70 -9.58
CA SER B 314 -6.79 -12.22 -8.71
C SER B 314 -5.47 -11.54 -9.03
N ASN B 315 -4.59 -11.55 -8.02
CA ASN B 315 -3.20 -11.13 -8.24
C ASN B 315 -2.45 -12.09 -9.16
N ASP B 316 -3.06 -13.25 -9.49
CA ASP B 316 -2.44 -14.14 -10.46
C ASP B 316 -2.66 -13.66 -11.88
N GLY B 317 -3.38 -12.54 -12.06
CA GLY B 317 -3.55 -11.90 -13.35
C GLY B 317 -4.83 -12.29 -14.09
N HIS B 318 -5.59 -13.25 -13.57
CA HIS B 318 -6.79 -13.71 -14.25
C HIS B 318 -8.05 -13.07 -13.67
N LEU B 319 -9.04 -12.88 -14.55
CA LEU B 319 -10.41 -12.66 -14.13
C LEU B 319 -11.12 -14.00 -14.23
N TYR B 320 -11.68 -14.45 -13.12
CA TYR B 320 -12.40 -15.72 -13.06
C TYR B 320 -13.89 -15.50 -13.09
N ALA B 321 -14.60 -16.36 -13.85
CA ALA B 321 -16.06 -16.42 -13.81
C ALA B 321 -16.40 -17.77 -13.19
N ILE B 322 -17.14 -17.75 -12.09
N ILE B 322 -17.08 -17.74 -12.07
CA ILE B 322 -17.38 -18.95 -11.27
CA ILE B 322 -17.38 -18.92 -11.27
C ILE B 322 -18.87 -19.17 -11.13
C ILE B 322 -18.90 -19.12 -11.32
N ASN B 323 -19.31 -20.36 -11.51
CA ASN B 323 -20.73 -20.71 -11.41
C ASN B 323 -21.14 -20.80 -9.93
N PRO B 324 -22.43 -20.65 -9.62
CA PRO B 324 -22.87 -20.71 -8.23
C PRO B 324 -22.61 -22.03 -7.51
N ASP B 325 -22.33 -23.12 -8.25
CA ASP B 325 -21.94 -24.38 -7.64
C ASP B 325 -20.43 -24.48 -7.42
N GLY B 326 -19.68 -23.44 -7.71
CA GLY B 326 -18.27 -23.42 -7.39
C GLY B 326 -17.36 -23.91 -8.49
N THR B 327 -17.92 -24.33 -9.62
CA THR B 327 -17.15 -24.74 -10.79
C THR B 327 -16.75 -23.52 -11.62
N GLU B 328 -15.61 -23.64 -12.29
CA GLU B 328 -15.12 -22.54 -13.12
C GLU B 328 -15.92 -22.49 -14.41
N LYS B 329 -16.51 -21.34 -14.69
CA LYS B 329 -17.09 -21.14 -16.00
C LYS B 329 -16.01 -20.83 -17.04
N TRP B 330 -15.12 -19.90 -16.71
CA TRP B 330 -13.99 -19.62 -17.57
C TRP B 330 -13.03 -18.74 -16.77
N ARG B 331 -11.85 -18.57 -17.33
CA ARG B 331 -10.90 -17.60 -16.78
C ARG B 331 -10.28 -16.84 -17.94
N PHE B 332 -9.90 -15.59 -17.67
CA PHE B 332 -9.34 -14.75 -18.70
C PHE B 332 -8.02 -14.20 -18.19
N LYS B 333 -6.97 -14.39 -18.95
CA LYS B 333 -5.63 -14.07 -18.49
C LYS B 333 -5.24 -12.66 -18.88
N THR B 334 -4.75 -11.88 -17.91
CA THR B 334 -4.04 -10.64 -18.17
C THR B 334 -2.60 -10.81 -17.66
N GLY B 335 -1.74 -9.85 -17.96
CA GLY B 335 -0.31 -10.04 -17.68
C GLY B 335 0.08 -9.89 -16.22
N LYS B 336 -0.72 -9.20 -15.43
CA LYS B 336 -0.33 -8.70 -14.14
C LYS B 336 -1.55 -8.66 -13.24
N ALA B 337 -1.37 -8.37 -11.97
CA ALA B 337 -2.44 -8.43 -10.98
C ALA B 337 -3.62 -7.55 -11.37
N ILE B 338 -4.83 -8.05 -11.08
CA ILE B 338 -6.06 -7.28 -11.24
C ILE B 338 -6.45 -6.78 -9.86
N GLU B 339 -6.32 -5.47 -9.65
N GLU B 339 -6.33 -5.48 -9.60
CA GLU B 339 -6.44 -4.90 -8.30
CA GLU B 339 -6.47 -5.00 -8.23
C GLU B 339 -7.88 -4.58 -7.90
C GLU B 339 -7.83 -4.39 -7.90
N ALA B 340 -8.76 -4.29 -8.85
CA ALA B 340 -10.05 -3.74 -8.56
C ALA B 340 -11.15 -4.67 -9.05
N SER B 341 -12.36 -4.42 -8.58
CA SER B 341 -13.49 -5.25 -9.01
C SER B 341 -13.86 -4.98 -10.46
N PRO B 342 -14.32 -5.99 -11.19
CA PRO B 342 -14.83 -5.74 -12.54
C PRO B 342 -16.18 -5.06 -12.47
N VAL B 343 -16.58 -4.53 -13.62
N VAL B 343 -16.57 -4.46 -13.58
CA VAL B 343 -17.87 -3.83 -13.78
CA VAL B 343 -17.92 -3.94 -13.73
C VAL B 343 -18.57 -4.38 -15.03
C VAL B 343 -18.57 -4.62 -14.92
N ILE B 344 -19.88 -4.61 -14.92
CA ILE B 344 -20.65 -5.24 -16.00
C ILE B 344 -21.53 -4.21 -16.69
N GLY B 345 -21.42 -4.13 -18.01
CA GLY B 345 -22.23 -3.19 -18.76
C GLY B 345 -23.61 -3.78 -19.11
N GLU B 346 -24.40 -2.93 -19.75
CA GLU B 346 -25.81 -3.26 -19.94
C GLU B 346 -25.98 -4.51 -20.77
N ASP B 347 -25.08 -4.73 -21.71
CA ASP B 347 -25.13 -5.90 -22.62
C ASP B 347 -24.38 -7.11 -22.04
N GLY B 348 -23.88 -7.03 -20.82
CA GLY B 348 -23.18 -8.14 -20.25
C GLY B 348 -21.66 -8.09 -20.39
N THR B 349 -21.13 -7.16 -21.17
CA THR B 349 -19.67 -7.05 -21.25
C THR B 349 -19.08 -6.79 -19.87
N ILE B 350 -17.99 -7.48 -19.57
CA ILE B 350 -17.33 -7.32 -18.29
C ILE B 350 -16.08 -6.49 -18.53
N TYR B 351 -15.96 -5.38 -17.82
CA TYR B 351 -14.79 -4.50 -17.95
C TYR B 351 -13.91 -4.60 -16.73
N VAL B 352 -12.58 -4.72 -16.95
CA VAL B 352 -11.70 -4.75 -15.80
C VAL B 352 -10.33 -4.23 -16.20
N GLY B 353 -9.69 -3.41 -15.31
CA GLY B 353 -8.32 -2.99 -15.56
C GLY B 353 -7.33 -3.96 -14.95
N SER B 354 -6.13 -3.91 -15.46
CA SER B 354 -5.04 -4.76 -14.95
C SER B 354 -3.80 -3.90 -14.68
N ASN B 355 -2.91 -4.43 -13.83
CA ASN B 355 -1.60 -3.81 -13.62
C ASN B 355 -0.75 -3.89 -14.87
N ASP B 356 -1.17 -4.64 -15.89
CA ASP B 356 -0.50 -4.60 -17.18
C ASP B 356 -0.81 -3.33 -17.98
N GLY B 357 -1.64 -2.45 -17.43
CA GLY B 357 -1.95 -1.17 -18.02
C GLY B 357 -3.14 -1.18 -18.95
N HIS B 358 -3.72 -2.34 -19.24
CA HIS B 358 -4.84 -2.38 -20.18
C HIS B 358 -6.17 -2.41 -19.47
N LEU B 359 -7.17 -1.80 -20.11
CA LEU B 359 -8.56 -2.03 -19.76
C LEU B 359 -9.10 -3.12 -20.69
N TYR B 360 -9.60 -4.19 -20.11
CA TYR B 360 -10.15 -5.29 -20.93
C TYR B 360 -11.68 -5.27 -20.94
N ALA B 361 -12.24 -5.52 -22.11
CA ALA B 361 -13.69 -5.74 -22.28
C ALA B 361 -13.84 -7.21 -22.63
N ILE B 362 -14.49 -7.98 -21.75
N ILE B 362 -14.47 -7.97 -21.73
CA ILE B 362 -14.59 -9.43 -21.89
CA ILE B 362 -14.63 -9.41 -21.84
C ILE B 362 -16.05 -9.81 -22.11
C ILE B 362 -16.08 -9.71 -22.19
N ASN B 363 -16.30 -10.61 -23.13
CA ASN B 363 -17.65 -11.05 -23.42
C ASN B 363 -18.12 -12.04 -22.35
S SO4 C . 1.53 0.93 27.16
O1 SO4 C . 0.79 0.95 25.90
O2 SO4 C . 1.09 -0.21 27.96
O3 SO4 C . 1.26 2.17 27.87
O4 SO4 C . 2.97 0.83 26.88
S SO4 D . 3.78 17.45 20.48
O1 SO4 D . 2.93 16.83 19.48
O2 SO4 D . 3.57 18.91 20.46
O3 SO4 D . 3.43 16.92 21.79
O4 SO4 D . 5.21 17.19 20.22
S SO4 E . 10.99 -10.56 -22.77
O1 SO4 E . 10.57 -11.92 -23.10
O2 SO4 E . 9.94 -9.95 -21.95
O3 SO4 E . 12.27 -10.59 -22.04
O4 SO4 E . 11.12 -9.79 -24.01
S SO4 F . 7.70 25.86 4.69
O1 SO4 F . 6.52 25.06 4.40
O2 SO4 F . 7.93 26.80 3.61
O3 SO4 F . 8.91 25.02 4.84
O4 SO4 F . 7.45 26.59 5.94
S SO4 G . 12.21 7.77 -23.39
O1 SO4 G . 11.70 6.75 -24.29
O2 SO4 G . 11.11 8.43 -22.71
O3 SO4 G . 13.11 7.17 -22.40
O4 SO4 G . 12.94 8.78 -24.17
S SO4 H . 10.56 21.80 -12.56
O1 SO4 H . 9.47 20.83 -12.43
O2 SO4 H . 10.77 22.09 -13.97
O3 SO4 H . 11.82 21.25 -12.05
O4 SO4 H . 10.17 23.02 -11.87
S SO4 I . 2.75 -16.24 21.96
O1 SO4 I . 1.96 -16.32 20.73
O2 SO4 I . 2.07 -15.33 22.89
O3 SO4 I . 2.84 -17.58 22.54
O4 SO4 I . 4.08 -15.73 21.67
C1 GOL J . 4.11 15.85 -14.37
O1 GOL J . 4.34 17.20 -14.12
C2 GOL J . 4.09 15.69 -15.91
O2 GOL J . 5.36 15.98 -16.47
C3 GOL J . 3.68 14.24 -16.14
O3 GOL J . 3.90 13.95 -17.47
S SO4 K . -1.50 13.90 -23.37
O1 SO4 K . -1.71 15.36 -23.41
O2 SO4 K . -2.79 13.22 -23.32
O3 SO4 K . -0.77 13.55 -22.12
O4 SO4 K . -0.74 13.45 -24.52
S SO4 L . -11.16 13.02 21.58
O1 SO4 L . -11.88 12.69 20.36
O2 SO4 L . -11.62 12.11 22.62
O3 SO4 L . -11.45 14.41 21.92
O4 SO4 L . -9.71 12.87 21.39
S SO4 M . -11.14 -20.04 14.77
O1 SO4 M . -12.31 -19.85 13.90
O2 SO4 M . -11.24 -21.33 15.45
O3 SO4 M . -11.04 -18.99 15.78
O4 SO4 M . -9.94 -20.02 13.93
S SO4 N . -8.12 24.62 8.37
O1 SO4 N . -9.38 24.20 7.78
O2 SO4 N . -8.31 24.92 9.79
O3 SO4 N . -7.11 23.58 8.24
O4 SO4 N . -7.60 25.83 7.72
S SO4 O . -1.24 -3.57 -27.20
O1 SO4 O . -1.37 -4.89 -27.83
O2 SO4 O . -2.55 -2.92 -27.12
O3 SO4 O . -0.67 -3.70 -25.86
O4 SO4 O . -0.30 -2.76 -27.98
S SO4 P . -12.93 -5.14 23.45
O1 SO4 P . -13.98 -5.33 22.44
O2 SO4 P . -12.96 -6.26 24.40
O3 SO4 P . -13.14 -3.89 24.19
O4 SO4 P . -11.62 -5.13 22.82
S SO4 Q . -7.83 -26.09 -2.70
O1 SO4 Q . -7.24 -26.86 -3.79
O2 SO4 Q . -9.18 -25.64 -3.06
O3 SO4 Q . -7.91 -26.94 -1.51
O4 SO4 Q . -6.98 -24.95 -2.41
#